data_7CMI
#
_entry.id   7CMI
#
_cell.length_a   1.00
_cell.length_b   1.00
_cell.length_c   1.00
_cell.angle_alpha   90.00
_cell.angle_beta   90.00
_cell.angle_gamma   90.00
#
_symmetry.space_group_name_H-M   'P 1'
#
loop_
_entity.id
_entity.type
_entity.pdbx_description
1 polymer '4F2 cell-surface antigen heavy chain'
2 polymer 'Large neutral amino acids transporter small subunit 2'
3 branched 2-acetamido-2-deoxy-beta-D-glucopyranose-(1-4)-2-acetamido-2-deoxy-beta-D-glucopyranose
4 non-polymer LEUCINE
5 non-polymer 1,2-DIACYL-GLYCEROL-3-SN-PHOSPHATE
6 water water
#
loop_
_entity_poly.entity_id
_entity_poly.type
_entity_poly.pdbx_seq_one_letter_code
_entity_poly.pdbx_strand_id
1 'polypeptide(L)'
;MAHHHHHHHHHHSGRELQPPEASIAVVSIPRQLPGSHSEAGVQGLSAGDDSETGSDCVTQAGLQLLASSDPPALASKNAE
VTVETGFHHVSQADIEFLTSIDPTASASGSAGITGTMSQDTEVDMKEVELNELEPEKQPMNAASGAAMSLAGAEKNGLVK
IKVAEDEAEAAAAAKFTGLSKEELLKVAGSPGWVRTRWALLLLFWLGWLGMLAGAVVIIVRAPRCRELPAQKWWHTGALY
RIGDLQAFQGHGAGNLAGLKGRLDYLSSLKVKGLVLGPIHKNQKDDVAQTDLLQIDPNFGSKEDFDSLLQSAKKKSIRVI
LDLTPNYRGENSWFSTQVDTVATKVKDALEFWLQAGVDGFQVRDIENLKDASSFLAEWQNITKGFSEDRLLIAGTNSSDL
QQILSLLESNKDLLLTSSYLSDSGSTGEHTKSLVTQYLNATGNRWCSWSLSQARLLTSFLPAQLLRLYQLMLFTLPGTPV
FSYGDEIGLDAAALPGQPMEAPVMLWDESSFPDIPGAVSANMTVKGQSEDPGSLLSLFRRLSDQRSKERSLLHGDFHAFS
AGPGLFSYIRHWDQNERFLVVLNFGDVGLSAGLQASDLPASASLPAKADLLLSTQPGREEGSPLELERLKLEPHEGLLLR
FPYAALE
;
A
2 'polypeptide(L)'
;MADYKDDDDKSGPDEVDASGREEGARHRNNTEKKHPGGGESDASPEAGSGGGGVALKKEIGLVSACGIIVGNIIGSGIFV
SPKGVLENAGSVGLALIVWIVTGFITVVGALCYAELGVTIPKSGGDYSYVKDIFGGLAGFLRLWIAVLVIYPTNQAVIAL
TFSNYVLQPLFPTCFPPESGLRLLAAICLLLLTWVNCSSVRWATRVQDIFTAGKLLALALIIIMGIVQICKGEYFWLEPK
NAFENFQEPDIGLVALAFLQGSFAYGGWNFLNYVTEELVDPYKNLPRAIFISIPLVTFVYVFANVAYVTAMSPQELLASN
AVAVTFGEKLLGVMAWIMPISVALSTFGGVNGSLFTSSRLFFAGAREGHLPSVLAMIHVKRCTPIPALLFTCISTLLMLV
TSDMYTLINYVGFINYLFYGVTVAGQIVLRWKKPDIPRPIKINLLFPIIYLLFWAFLLVFSLWSEPVVCGIGLAIMLTGV
PVYFLGVYWQHKPKCFSDFIELLTLVSQKMCVVVYPEVERGSGTEEANEDMEEQQQPMYQPTPTKDKDVAGQPQP
;
B
#
loop_
_chem_comp.id
_chem_comp.type
_chem_comp.name
_chem_comp.formula
3PH non-polymer 1,2-DIACYL-GLYCEROL-3-SN-PHOSPHATE 'C39 H77 O8 P'
NAG D-saccharide, beta linking 2-acetamido-2-deoxy-beta-D-glucopyranose 'C8 H15 N O6'
#
# COMPACT_ATOMS: atom_id res chain seq x y z
N THR A 177 -3.08 -42.69 -34.60
CA THR A 177 -2.43 -42.46 -33.32
C THR A 177 -1.04 -43.05 -33.28
N GLY A 178 -0.38 -42.94 -32.13
CA GLY A 178 1.00 -43.38 -32.01
C GLY A 178 1.30 -44.23 -30.78
N LEU A 179 0.31 -44.99 -30.33
CA LEU A 179 0.47 -45.85 -29.17
C LEU A 179 1.12 -47.17 -29.55
N SER A 180 2.14 -47.57 -28.77
CA SER A 180 2.84 -48.81 -29.02
C SER A 180 2.11 -50.00 -28.40
N LYS A 181 2.37 -50.25 -27.12
CA LYS A 181 1.73 -51.35 -26.41
C LYS A 181 2.39 -51.59 -25.05
N GLU A 182 1.58 -51.57 -24.00
CA GLU A 182 2.09 -51.79 -22.65
C GLU A 182 3.04 -52.99 -22.60
N GLU A 183 2.71 -54.03 -23.35
CA GLU A 183 3.54 -55.23 -23.40
C GLU A 183 4.60 -55.16 -24.49
N LEU A 184 4.38 -54.36 -25.52
CA LEU A 184 5.38 -54.25 -26.58
C LEU A 184 6.51 -53.30 -26.16
N LEU A 185 6.25 -52.39 -25.23
CA LEU A 185 7.23 -51.37 -24.86
C LEU A 185 8.36 -51.97 -24.03
N LYS A 186 8.02 -52.84 -23.08
CA LYS A 186 9.01 -53.34 -22.13
C LYS A 186 9.93 -54.40 -22.73
N VAL A 187 9.69 -54.83 -23.97
CA VAL A 187 10.66 -55.69 -24.67
C VAL A 187 11.46 -54.94 -25.71
N ALA A 188 11.08 -53.70 -26.02
CA ALA A 188 11.84 -52.81 -26.89
C ALA A 188 12.45 -51.64 -26.15
N GLY A 189 11.92 -51.31 -24.97
CA GLY A 189 12.52 -50.28 -24.16
C GLY A 189 13.56 -50.86 -23.20
N SER A 190 14.46 -49.97 -22.79
CA SER A 190 15.60 -50.30 -21.93
C SER A 190 16.50 -51.46 -22.37
N PRO A 191 17.16 -51.41 -23.57
CA PRO A 191 18.40 -52.18 -23.71
C PRO A 191 19.62 -51.41 -23.19
N GLY A 192 19.65 -50.11 -23.45
CA GLY A 192 20.68 -49.21 -23.00
C GLY A 192 20.04 -47.88 -22.65
N TRP A 193 18.71 -47.86 -22.72
CA TRP A 193 17.92 -46.73 -22.26
C TRP A 193 17.86 -46.65 -20.74
N VAL A 194 18.26 -47.72 -20.03
CA VAL A 194 18.23 -47.71 -18.58
C VAL A 194 19.39 -46.86 -18.03
N ARG A 195 20.40 -46.59 -18.86
CA ARG A 195 21.53 -45.79 -18.40
C ARG A 195 21.33 -44.31 -18.69
N THR A 196 20.60 -43.99 -19.77
CA THR A 196 20.30 -42.60 -20.09
C THR A 196 19.09 -42.09 -19.32
N ARG A 197 18.38 -42.98 -18.61
CA ARG A 197 17.28 -42.55 -17.77
C ARG A 197 17.76 -42.21 -16.36
N TRP A 198 18.92 -42.74 -15.97
CA TRP A 198 19.53 -42.37 -14.69
C TRP A 198 20.44 -41.16 -14.85
N ALA A 199 20.95 -40.92 -16.06
CA ALA A 199 21.80 -39.76 -16.30
C ALA A 199 21.01 -38.46 -16.38
N LEU A 200 19.68 -38.54 -16.52
CA LEU A 200 18.85 -37.35 -16.50
C LEU A 200 18.26 -37.07 -15.13
N LEU A 201 18.11 -38.10 -14.28
CA LEU A 201 17.64 -37.86 -12.92
C LEU A 201 18.75 -37.29 -12.06
N LEU A 202 19.98 -37.74 -12.26
CA LEU A 202 21.13 -37.17 -11.59
C LEU A 202 21.45 -35.77 -12.07
N LEU A 203 21.25 -35.49 -13.35
CA LEU A 203 21.50 -34.15 -13.88
C LEU A 203 20.39 -33.19 -13.47
N PHE A 204 19.18 -33.70 -13.22
CA PHE A 204 18.12 -32.88 -12.65
C PHE A 204 18.44 -32.53 -11.20
N TRP A 205 18.93 -33.51 -10.44
CA TRP A 205 19.15 -33.31 -9.02
C TRP A 205 20.41 -32.52 -8.71
N LEU A 206 21.41 -32.54 -9.57
CA LEU A 206 22.57 -31.70 -9.39
C LEU A 206 22.29 -30.26 -9.80
N GLY A 207 21.38 -30.05 -10.75
CA GLY A 207 20.98 -28.71 -11.13
C GLY A 207 19.99 -28.09 -10.17
N TRP A 208 19.37 -28.89 -9.31
CA TRP A 208 18.46 -28.35 -8.30
C TRP A 208 19.21 -27.92 -7.04
N LEU A 209 20.35 -28.55 -6.75
CA LEU A 209 21.18 -28.10 -5.64
C LEU A 209 22.11 -26.97 -6.06
N GLY A 210 22.50 -26.91 -7.32
CA GLY A 210 23.23 -25.77 -7.82
C GLY A 210 22.36 -24.54 -8.00
N MET A 211 21.05 -24.74 -8.03
CA MET A 211 20.09 -23.65 -7.99
C MET A 211 19.81 -23.18 -6.57
N LEU A 212 19.75 -24.10 -5.61
CA LEU A 212 19.54 -23.77 -4.21
C LEU A 212 20.76 -23.12 -3.58
N ALA A 213 21.96 -23.58 -3.93
CA ALA A 213 23.18 -22.94 -3.45
C ALA A 213 23.39 -21.60 -4.10
N GLY A 214 22.87 -21.40 -5.31
CA GLY A 214 22.97 -20.12 -5.97
C GLY A 214 22.01 -19.06 -5.49
N ALA A 215 21.00 -19.44 -4.71
CA ALA A 215 20.07 -18.50 -4.13
C ALA A 215 20.44 -18.07 -2.72
N VAL A 216 21.21 -18.90 -2.00
CA VAL A 216 21.75 -18.49 -0.71
C VAL A 216 22.89 -17.49 -0.88
N VAL A 217 23.65 -17.61 -1.97
CA VAL A 217 24.76 -16.70 -2.25
C VAL A 217 24.24 -15.31 -2.58
N ILE A 218 23.16 -15.24 -3.37
CA ILE A 218 22.57 -13.96 -3.75
C ILE A 218 21.91 -13.27 -2.57
N ILE A 219 21.32 -14.04 -1.65
CA ILE A 219 20.58 -13.46 -0.53
C ILE A 219 21.54 -12.86 0.49
N VAL A 220 22.64 -13.54 0.80
CA VAL A 220 23.56 -13.02 1.81
C VAL A 220 24.45 -11.93 1.23
N ARG A 221 24.53 -11.84 -0.10
CA ARG A 221 25.28 -10.75 -0.72
C ARG A 221 24.46 -9.49 -0.88
N ALA A 222 23.16 -9.55 -0.63
CA ALA A 222 22.31 -8.36 -0.60
C ALA A 222 22.72 -7.50 0.58
N PRO A 223 22.65 -6.13 0.48
CA PRO A 223 23.39 -5.29 1.44
C PRO A 223 22.96 -5.38 2.90
N ARG A 224 21.81 -4.77 3.25
CA ARG A 224 21.03 -4.92 4.49
C ARG A 224 19.89 -3.90 4.40
N CYS A 225 18.90 -3.96 5.29
CA CYS A 225 18.02 -2.83 5.57
C CYS A 225 18.69 -1.93 6.61
N ARG A 226 18.48 -0.63 6.46
CA ARG A 226 18.98 0.33 7.43
C ARG A 226 17.94 0.51 8.53
N GLU A 227 18.41 0.59 9.77
CA GLU A 227 17.52 0.58 10.92
C GLU A 227 16.78 1.90 11.04
N LEU A 228 15.47 1.80 11.28
CA LEU A 228 14.65 2.98 11.40
C LEU A 228 14.87 3.63 12.77
N PRO A 229 15.09 4.94 12.83
CA PRO A 229 15.32 5.60 14.12
C PRO A 229 14.03 5.71 14.92
N ALA A 230 14.21 5.81 16.24
CA ALA A 230 13.08 5.92 17.17
C ALA A 230 12.49 7.32 17.06
N GLN A 231 11.41 7.45 16.29
CA GLN A 231 10.80 8.73 16.02
C GLN A 231 9.81 9.08 17.12
N LYS A 232 9.84 10.34 17.56
CA LYS A 232 8.84 10.85 18.48
C LYS A 232 7.64 11.37 17.68
N TRP A 233 6.68 11.97 18.38
CA TRP A 233 5.49 12.45 17.68
C TRP A 233 5.72 13.80 17.02
N TRP A 234 6.66 14.60 17.52
CA TRP A 234 6.97 15.87 16.89
C TRP A 234 8.00 15.74 15.78
N HIS A 235 8.50 14.54 15.52
CA HIS A 235 9.38 14.33 14.39
C HIS A 235 8.60 14.16 13.09
N THR A 236 7.34 13.76 13.20
CA THR A 236 6.51 13.38 12.06
C THR A 236 5.38 14.38 11.91
N GLY A 237 5.64 15.50 11.24
CA GLY A 237 4.62 16.48 10.97
C GLY A 237 5.03 17.86 11.44
N ALA A 238 4.06 18.78 11.43
CA ALA A 238 4.28 20.19 11.71
C ALA A 238 3.51 20.63 12.95
N LEU A 239 3.97 21.72 13.56
CA LEU A 239 3.33 22.31 14.73
C LEU A 239 2.59 23.58 14.34
N TYR A 240 1.62 23.97 15.18
CA TYR A 240 0.68 25.04 14.86
C TYR A 240 0.45 25.88 16.11
N ARG A 241 0.98 27.09 16.13
CA ARG A 241 0.87 27.94 17.30
C ARG A 241 -0.38 28.81 17.22
N ILE A 242 -1.17 28.80 18.28
CA ILE A 242 -2.34 29.65 18.42
C ILE A 242 -2.07 30.60 19.58
N GLY A 243 -1.63 31.82 19.27
CA GLY A 243 -1.32 32.81 20.28
C GLY A 243 -2.55 33.35 20.98
N ASP A 244 -3.52 33.82 20.21
CA ASP A 244 -4.73 34.41 20.75
C ASP A 244 -5.91 33.51 20.43
N LEU A 245 -6.66 33.10 21.46
CA LEU A 245 -7.85 32.29 21.23
C LEU A 245 -9.04 33.14 20.81
N GLN A 246 -9.13 34.37 21.30
CA GLN A 246 -10.24 35.25 20.94
C GLN A 246 -10.19 35.69 19.49
N ALA A 247 -9.00 35.82 18.92
CA ALA A 247 -8.84 36.25 17.53
C ALA A 247 -8.77 35.07 16.57
N PHE A 248 -8.59 33.85 17.06
CA PHE A 248 -8.59 32.69 16.18
C PHE A 248 -10.01 32.26 15.83
N GLN A 249 -10.97 32.57 16.70
CA GLN A 249 -12.33 32.11 16.55
C GLN A 249 -13.34 33.24 16.33
N GLY A 250 -13.02 34.46 16.74
CA GLY A 250 -13.99 35.52 16.78
C GLY A 250 -14.46 35.71 18.21
N HIS A 251 -14.96 36.91 18.54
CA HIS A 251 -15.31 37.21 19.92
C HIS A 251 -16.63 36.55 20.34
N GLY A 252 -17.47 36.18 19.38
CA GLY A 252 -18.77 35.60 19.68
C GLY A 252 -18.75 34.27 20.38
N ALA A 253 -17.69 33.48 20.16
CA ALA A 253 -17.51 32.20 20.83
C ALA A 253 -16.10 32.02 21.37
N GLY A 254 -15.50 33.08 21.91
CA GLY A 254 -14.11 33.01 22.30
C GLY A 254 -13.90 32.38 23.67
N ASN A 255 -13.52 31.11 23.67
CA ASN A 255 -13.42 30.31 24.90
C ASN A 255 -12.60 29.07 24.57
N LEU A 256 -12.37 28.26 25.60
CA LEU A 256 -11.78 26.95 25.38
C LEU A 256 -12.82 25.95 24.87
N ALA A 257 -14.09 26.25 25.08
CA ALA A 257 -15.15 25.36 24.61
C ALA A 257 -15.36 25.49 23.11
N GLY A 258 -15.18 26.68 22.56
CA GLY A 258 -15.33 26.88 21.12
C GLY A 258 -14.18 26.34 20.31
N LEU A 259 -13.03 26.08 20.95
CA LEU A 259 -11.87 25.53 20.25
C LEU A 259 -12.10 24.08 19.85
N LYS A 260 -13.00 23.38 20.56
CA LYS A 260 -13.26 21.97 20.30
C LYS A 260 -13.92 21.76 18.93
N GLY A 261 -14.64 22.75 18.43
CA GLY A 261 -15.29 22.62 17.14
C GLY A 261 -14.36 22.80 15.95
N ARG A 262 -13.18 23.38 16.17
CA ARG A 262 -12.24 23.64 15.09
C ARG A 262 -11.23 22.51 14.90
N LEU A 263 -11.34 21.41 15.64
CA LEU A 263 -10.41 20.30 15.52
C LEU A 263 -10.56 19.53 14.21
N ASP A 264 -11.68 19.71 13.50
CA ASP A 264 -11.84 19.06 12.20
C ASP A 264 -11.07 19.79 11.11
N TYR A 265 -10.96 21.12 11.23
CA TYR A 265 -10.17 21.88 10.26
C TYR A 265 -8.68 21.67 10.47
N LEU A 266 -8.25 21.56 11.72
CA LEU A 266 -6.84 21.32 12.01
C LEU A 266 -6.44 19.90 11.66
N SER A 267 -7.39 18.96 11.68
CA SER A 267 -7.10 17.62 11.19
C SER A 267 -6.99 17.57 9.68
N SER A 268 -7.65 18.50 8.97
CA SER A 268 -7.49 18.60 7.52
C SER A 268 -6.13 19.17 7.15
N LEU A 269 -5.55 20.00 8.02
CA LEU A 269 -4.21 20.52 7.79
C LEU A 269 -3.12 19.50 8.09
N LYS A 270 -3.48 18.38 8.73
CA LYS A 270 -2.57 17.29 9.11
C LYS A 270 -1.45 17.78 10.03
N VAL A 271 -1.77 18.69 10.92
CA VAL A 271 -0.81 19.14 11.92
C VAL A 271 -0.88 18.22 13.13
N LYS A 272 0.23 18.12 13.85
CA LYS A 272 0.33 17.22 14.99
C LYS A 272 0.43 17.93 16.33
N GLY A 273 0.68 19.24 16.33
CA GLY A 273 0.86 19.98 17.56
C GLY A 273 -0.14 21.12 17.64
N LEU A 274 -0.46 21.49 18.87
CA LEU A 274 -1.50 22.48 19.17
C LEU A 274 -0.99 23.45 20.23
N VAL A 275 0.10 24.15 19.92
CA VAL A 275 0.72 25.05 20.88
C VAL A 275 -0.23 26.23 21.10
N LEU A 276 -1.02 26.15 22.16
CA LEU A 276 -2.05 27.14 22.42
C LEU A 276 -1.62 28.06 23.56
N GLY A 277 -2.03 29.32 23.45
CA GLY A 277 -1.47 30.41 24.23
C GLY A 277 -1.70 30.31 25.72
N PRO A 278 -1.00 31.14 26.48
CA PRO A 278 -1.05 31.04 27.94
C PRO A 278 -2.36 31.54 28.50
N ILE A 279 -2.89 30.79 29.47
CA ILE A 279 -4.26 30.98 29.95
C ILE A 279 -4.29 31.08 31.47
N HIS A 280 -3.19 31.50 32.08
CA HIS A 280 -2.98 31.28 33.52
C HIS A 280 -3.11 32.55 34.37
N LYS A 281 -4.05 33.43 34.04
CA LYS A 281 -4.48 34.63 34.80
C LYS A 281 -3.31 35.48 35.32
N ASN A 282 -2.58 36.05 34.35
CA ASN A 282 -1.61 37.09 34.68
C ASN A 282 -2.35 38.37 35.09
N GLN A 283 -1.70 39.17 35.94
CA GLN A 283 -2.33 40.36 36.48
C GLN A 283 -1.50 41.61 36.27
N LYS A 284 -0.86 41.73 35.10
CA LYS A 284 -0.23 42.96 34.59
C LYS A 284 0.86 43.47 35.54
N ASP A 285 1.96 42.73 35.55
CA ASP A 285 3.19 43.01 36.31
C ASP A 285 2.93 42.95 37.81
N ASP A 286 2.33 41.85 38.26
CA ASP A 286 2.16 41.58 39.69
C ASP A 286 2.55 40.12 39.91
N VAL A 287 3.64 39.89 40.62
CA VAL A 287 4.13 38.54 40.84
C VAL A 287 3.25 37.81 41.86
N ALA A 288 2.71 38.54 42.83
CA ALA A 288 1.94 37.94 43.91
C ALA A 288 0.58 37.42 43.47
N GLN A 289 0.02 37.91 42.36
CA GLN A 289 -1.27 37.46 41.87
C GLN A 289 -1.19 36.67 40.58
N THR A 290 -0.04 36.09 40.26
CA THR A 290 0.14 35.30 39.04
C THR A 290 0.29 33.84 39.43
N ASP A 291 -0.81 33.11 39.35
CA ASP A 291 -0.80 31.67 39.61
C ASP A 291 -0.86 30.90 38.31
N LEU A 292 0.21 30.14 38.01
CA LEU A 292 0.23 29.37 36.78
C LEU A 292 -0.52 28.05 36.88
N LEU A 293 -1.17 27.78 38.00
CA LEU A 293 -1.96 26.57 38.18
C LEU A 293 -3.44 26.79 37.94
N GLN A 294 -3.89 28.04 37.87
CA GLN A 294 -5.30 28.38 37.76
C GLN A 294 -5.58 29.03 36.42
N ILE A 295 -6.61 28.55 35.72
CA ILE A 295 -6.96 29.07 34.40
C ILE A 295 -7.74 30.37 34.56
N ASP A 296 -7.46 31.33 33.68
CA ASP A 296 -8.20 32.58 33.63
C ASP A 296 -9.68 32.32 33.29
N PRO A 297 -10.62 32.98 33.96
CA PRO A 297 -12.05 32.71 33.72
C PRO A 297 -12.56 33.13 32.35
N ASN A 298 -11.83 33.95 31.61
CA ASN A 298 -12.25 34.34 30.27
C ASN A 298 -12.03 33.24 29.23
N PHE A 299 -11.35 32.15 29.59
CA PHE A 299 -11.19 31.01 28.69
C PHE A 299 -11.99 29.80 29.12
N GLY A 300 -12.20 29.61 30.41
CA GLY A 300 -12.95 28.48 30.91
C GLY A 300 -12.42 28.02 32.25
N SER A 301 -12.41 26.71 32.49
CA SER A 301 -11.84 26.14 33.70
C SER A 301 -11.29 24.76 33.37
N LYS A 302 -11.05 23.96 34.41
CA LYS A 302 -10.51 22.62 34.21
C LYS A 302 -11.54 21.64 33.66
N GLU A 303 -12.82 22.02 33.65
CA GLU A 303 -13.86 21.10 33.20
C GLU A 303 -13.95 21.05 31.69
N ASP A 304 -13.74 22.17 31.00
CA ASP A 304 -13.71 22.16 29.55
C ASP A 304 -12.29 22.19 28.99
N PHE A 305 -11.28 22.33 29.85
CA PHE A 305 -9.91 22.10 29.42
C PHE A 305 -9.66 20.61 29.24
N ASP A 306 -10.21 19.79 30.14
CA ASP A 306 -10.07 18.34 30.02
C ASP A 306 -10.87 17.78 28.86
N SER A 307 -11.97 18.45 28.49
CA SER A 307 -12.73 18.06 27.31
C SER A 307 -11.97 18.31 26.02
N LEU A 308 -11.12 19.35 26.00
CA LEU A 308 -10.32 19.63 24.81
C LEU A 308 -9.18 18.64 24.67
N LEU A 309 -8.60 18.22 25.81
CA LEU A 309 -7.49 17.27 25.77
C LEU A 309 -7.95 15.88 25.36
N GLN A 310 -9.19 15.53 25.66
CA GLN A 310 -9.70 14.21 25.30
C GLN A 310 -10.16 14.15 23.86
N SER A 311 -10.77 15.23 23.36
CA SER A 311 -11.29 15.21 21.99
C SER A 311 -10.17 15.39 20.97
N ALA A 312 -9.06 16.02 21.38
CA ALA A 312 -7.91 16.15 20.49
C ALA A 312 -7.11 14.86 20.42
N LYS A 313 -7.17 14.02 21.45
CA LYS A 313 -6.46 12.75 21.45
C LYS A 313 -7.08 11.76 20.47
N LYS A 314 -8.40 11.87 20.26
CA LYS A 314 -9.11 11.00 19.31
C LYS A 314 -8.62 11.20 17.88
N LYS A 315 -8.29 12.44 17.51
CA LYS A 315 -7.79 12.75 16.18
C LYS A 315 -6.28 12.75 16.09
N SER A 316 -5.61 12.24 17.13
CA SER A 316 -4.14 12.16 17.24
C SER A 316 -3.48 13.54 17.09
N ILE A 317 -3.93 14.47 17.92
CA ILE A 317 -3.40 15.83 17.95
C ILE A 317 -3.01 16.14 19.39
N ARG A 318 -1.74 16.50 19.59
CA ARG A 318 -1.19 16.71 20.92
C ARG A 318 -1.29 18.18 21.28
N VAL A 319 -1.50 18.46 22.57
CA VAL A 319 -1.72 19.81 23.06
C VAL A 319 -0.48 20.25 23.84
N ILE A 320 0.10 21.38 23.44
CA ILE A 320 1.25 21.97 24.10
C ILE A 320 0.80 23.29 24.71
N LEU A 321 0.98 23.42 26.02
CA LEU A 321 0.61 24.64 26.73
C LEU A 321 1.86 25.42 27.08
N ASP A 322 1.87 26.71 26.77
CA ASP A 322 3.04 27.53 27.09
C ASP A 322 2.81 28.33 28.36
N LEU A 323 3.89 28.53 29.11
CA LEU A 323 3.85 29.08 30.46
C LEU A 323 4.78 30.27 30.60
N THR A 324 4.74 31.19 29.65
CA THR A 324 5.41 32.47 29.86
C THR A 324 4.61 33.26 30.87
N PRO A 325 5.17 33.63 32.03
CA PRO A 325 4.32 34.11 33.13
C PRO A 325 3.75 35.50 32.93
N ASN A 326 4.53 36.46 32.45
CA ASN A 326 4.05 37.81 32.21
C ASN A 326 3.77 37.98 30.73
N TYR A 327 2.66 37.39 30.29
CA TYR A 327 2.36 37.36 28.86
C TYR A 327 1.50 38.53 28.40
N ARG A 328 0.95 39.32 29.33
CA ARG A 328 0.22 40.52 28.95
C ARG A 328 0.86 41.80 29.45
N GLY A 329 2.06 41.72 30.03
CA GLY A 329 2.81 42.91 30.38
C GLY A 329 3.82 43.25 29.30
N GLU A 330 4.60 44.30 29.59
CA GLU A 330 5.56 44.80 28.61
C GLU A 330 6.81 43.93 28.53
N ASN A 331 7.31 43.45 29.67
CA ASN A 331 8.43 42.53 29.69
C ASN A 331 8.00 41.25 30.38
N SER A 332 8.32 40.12 29.76
CA SER A 332 8.03 38.82 30.35
C SER A 332 9.01 38.52 31.48
N TRP A 333 8.77 37.40 32.15
CA TRP A 333 9.61 36.81 33.19
C TRP A 333 9.77 37.70 34.44
N PHE A 334 8.92 38.72 34.59
CA PHE A 334 8.73 39.47 35.84
C PHE A 334 10.03 40.12 36.34
N SER A 335 10.49 41.13 35.59
CA SER A 335 11.86 41.65 35.69
C SER A 335 12.25 42.22 37.07
N THR A 336 11.33 42.29 38.03
CA THR A 336 11.70 42.74 39.37
C THR A 336 12.36 41.65 40.21
N GLN A 337 12.23 40.37 39.84
CA GLN A 337 12.82 39.28 40.60
C GLN A 337 13.11 38.12 39.65
N VAL A 338 14.04 37.25 40.05
CA VAL A 338 14.51 36.19 39.17
C VAL A 338 14.01 34.79 39.56
N ASP A 339 14.20 34.36 40.80
CA ASP A 339 14.01 32.95 41.14
C ASP A 339 12.71 32.65 41.88
N THR A 340 11.94 33.66 42.30
CA THR A 340 10.59 33.39 42.77
C THR A 340 9.71 32.95 41.62
N VAL A 341 9.88 33.55 40.45
CA VAL A 341 9.09 33.17 39.29
C VAL A 341 9.69 31.94 38.60
N ALA A 342 10.91 31.58 38.93
CA ALA A 342 11.48 30.36 38.38
C ALA A 342 10.96 29.13 39.09
N THR A 343 10.79 29.21 40.41
CA THR A 343 10.11 28.17 41.16
C THR A 343 8.60 28.17 40.93
N LYS A 344 8.05 29.27 40.40
CA LYS A 344 6.65 29.31 40.02
C LYS A 344 6.38 28.41 38.83
N VAL A 345 7.29 28.40 37.85
CA VAL A 345 7.14 27.54 36.69
C VAL A 345 7.42 26.09 37.05
N LYS A 346 8.34 25.86 37.99
CA LYS A 346 8.76 24.51 38.35
C LYS A 346 7.64 23.73 39.06
N ASP A 347 6.76 24.43 39.78
CA ASP A 347 5.59 23.78 40.34
C ASP A 347 4.53 23.52 39.28
N ALA A 348 4.53 24.31 38.21
CA ALA A 348 3.55 24.16 37.13
C ALA A 348 3.97 23.12 36.10
N LEU A 349 5.23 22.71 36.08
CA LEU A 349 5.66 21.62 35.20
C LEU A 349 5.04 20.29 35.64
N GLU A 350 5.04 20.01 36.93
CA GLU A 350 4.55 18.74 37.45
C GLU A 350 3.03 18.72 37.61
N PHE A 351 2.37 19.87 37.60
CA PHE A 351 0.93 19.94 37.76
C PHE A 351 0.19 19.72 36.44
N TRP A 352 0.66 20.36 35.36
CA TRP A 352 0.00 20.21 34.08
C TRP A 352 0.37 18.90 33.39
N LEU A 353 1.53 18.32 33.73
CA LEU A 353 1.86 17.00 33.24
C LEU A 353 1.01 15.91 33.89
N GLN A 354 0.48 16.17 35.09
CA GLN A 354 -0.48 15.26 35.69
C GLN A 354 -1.83 15.34 35.00
N ALA A 355 -2.22 16.53 34.55
CA ALA A 355 -3.48 16.71 33.85
C ALA A 355 -3.47 16.15 32.44
N GLY A 356 -2.29 15.94 31.86
CA GLY A 356 -2.16 15.24 30.61
C GLY A 356 -1.79 16.07 29.41
N VAL A 357 -1.16 17.23 29.59
CA VAL A 357 -0.63 17.96 28.44
C VAL A 357 0.61 17.25 27.94
N ASP A 358 0.93 17.44 26.67
CA ASP A 358 1.95 16.66 25.99
C ASP A 358 3.20 17.47 25.68
N GLY A 359 3.38 18.60 26.34
CA GLY A 359 4.53 19.45 26.06
C GLY A 359 4.38 20.81 26.70
N PHE A 360 5.42 21.61 26.53
CA PHE A 360 5.45 22.96 27.07
C PHE A 360 6.26 23.86 26.14
N GLN A 361 6.06 25.17 26.30
CA GLN A 361 6.83 26.17 25.58
C GLN A 361 7.09 27.35 26.50
N VAL A 362 8.27 27.94 26.37
CA VAL A 362 8.61 29.19 27.07
C VAL A 362 9.11 30.16 26.01
N ARG A 363 8.58 31.38 26.03
CA ARG A 363 9.00 32.38 25.08
C ARG A 363 9.83 33.46 25.75
N ASP A 364 10.58 34.19 24.92
CA ASP A 364 11.33 35.40 25.29
C ASP A 364 12.35 35.11 26.39
N ILE A 365 13.12 34.04 26.20
CA ILE A 365 14.10 33.63 27.20
C ILE A 365 15.41 34.40 27.10
N GLU A 366 15.48 35.41 26.23
CA GLU A 366 16.59 36.35 26.30
C GLU A 366 16.41 37.34 27.44
N ASN A 367 15.19 37.47 27.97
CA ASN A 367 14.94 38.21 29.20
C ASN A 367 14.94 37.28 30.41
N LEU A 368 16.00 36.48 30.50
CA LEU A 368 16.24 35.64 31.68
C LEU A 368 17.70 35.78 32.10
N LYS A 369 17.92 35.70 33.40
CA LYS A 369 19.24 35.47 33.96
C LYS A 369 19.35 33.98 34.24
N ASP A 370 20.51 33.40 33.92
CA ASP A 370 20.78 31.97 33.95
C ASP A 370 19.78 31.21 33.07
N ALA A 371 19.66 31.70 31.84
CA ALA A 371 18.71 31.11 30.89
C ALA A 371 19.14 29.72 30.45
N SER A 372 20.44 29.54 30.21
CA SER A 372 20.96 28.23 29.83
C SER A 372 21.02 27.24 30.99
N SER A 373 20.83 27.71 32.22
CA SER A 373 20.82 26.85 33.39
C SER A 373 19.41 26.45 33.82
N PHE A 374 18.40 27.26 33.54
CA PHE A 374 17.03 26.92 33.88
C PHE A 374 16.38 26.01 32.85
N LEU A 375 16.87 26.01 31.61
CA LEU A 375 16.30 25.13 30.60
C LEU A 375 16.72 23.69 30.80
N ALA A 376 17.88 23.46 31.42
CA ALA A 376 18.31 22.10 31.70
C ALA A 376 17.56 21.52 32.89
N GLU A 377 17.20 22.36 33.85
CA GLU A 377 16.41 21.90 34.98
C GLU A 377 14.96 21.62 34.59
N TRP A 378 14.40 22.40 33.67
CA TRP A 378 13.02 22.20 33.25
C TRP A 378 12.87 21.05 32.28
N GLN A 379 13.90 20.78 31.47
CA GLN A 379 13.86 19.61 30.59
C GLN A 379 14.07 18.30 31.33
N ASN A 380 14.62 18.37 32.55
CA ASN A 380 14.70 17.17 33.39
C ASN A 380 13.32 16.69 33.80
N ILE A 381 12.51 17.60 34.34
CA ILE A 381 11.17 17.27 34.81
C ILE A 381 10.25 16.86 33.66
N THR A 382 10.46 17.42 32.48
CA THR A 382 9.66 17.07 31.32
C THR A 382 10.01 15.68 30.81
N LYS A 383 11.31 15.36 30.72
CA LYS A 383 11.72 14.06 30.23
C LYS A 383 11.73 13.00 31.32
N GLY A 384 11.84 13.41 32.58
CA GLY A 384 11.76 12.45 33.67
C GLY A 384 10.36 11.91 33.87
N PHE A 385 9.35 12.69 33.50
CA PHE A 385 7.97 12.19 33.52
C PHE A 385 7.76 11.14 32.45
N SER A 386 8.06 11.47 31.19
CA SER A 386 7.98 10.54 30.09
C SER A 386 8.90 11.02 28.98
N GLU A 387 9.31 10.10 28.12
CA GLU A 387 10.17 10.48 27.00
C GLU A 387 9.39 11.07 25.84
N ASP A 388 8.05 10.96 25.86
CA ASP A 388 7.20 11.51 24.82
C ASP A 388 6.66 12.89 25.17
N ARG A 389 7.37 13.65 26.00
CA ARG A 389 6.99 15.01 26.33
C ARG A 389 8.05 15.98 25.84
N LEU A 390 7.60 17.15 25.40
CA LEU A 390 8.42 18.09 24.65
C LEU A 390 8.56 19.38 25.42
N LEU A 391 9.66 20.10 25.18
CA LEU A 391 9.84 21.44 25.70
C LEU A 391 10.43 22.31 24.61
N ILE A 392 9.78 23.44 24.34
CA ILE A 392 10.18 24.37 23.29
C ILE A 392 10.63 25.67 23.98
N ALA A 393 11.67 26.29 23.45
CA ALA A 393 12.14 27.57 23.97
C ALA A 393 12.28 28.54 22.82
N GLY A 394 11.91 29.80 23.03
CA GLY A 394 11.98 30.78 21.96
C GLY A 394 12.79 32.02 22.29
N THR A 395 13.65 32.44 21.37
CA THR A 395 14.41 33.67 21.48
C THR A 395 14.00 34.62 20.35
N ASN A 396 14.66 35.77 20.30
CA ASN A 396 14.56 36.67 19.15
C ASN A 396 15.93 36.98 18.56
N SER A 397 16.98 36.33 19.05
CA SER A 397 18.33 36.58 18.54
C SER A 397 18.50 35.87 17.20
N SER A 398 19.04 36.58 16.22
CA SER A 398 19.20 36.06 14.87
C SER A 398 20.65 35.71 14.54
N ASP A 399 21.51 35.62 15.54
CA ASP A 399 22.92 35.31 15.31
C ASP A 399 23.23 33.89 15.77
N LEU A 400 24.23 33.28 15.13
CA LEU A 400 24.44 31.85 15.27
C LEU A 400 25.07 31.48 16.61
N GLN A 401 25.95 32.33 17.14
CA GLN A 401 26.67 31.99 18.36
C GLN A 401 25.82 32.11 19.62
N GLN A 402 24.84 33.02 19.63
CA GLN A 402 23.95 33.10 20.78
C GLN A 402 22.96 31.95 20.81
N ILE A 403 22.66 31.35 19.65
CA ILE A 403 21.78 30.19 19.61
C ILE A 403 22.54 28.93 20.07
N LEU A 404 23.77 28.76 19.59
CA LEU A 404 24.59 27.60 19.97
C LEU A 404 25.02 27.61 21.42
N SER A 405 25.02 28.78 22.08
CA SER A 405 25.32 28.81 23.50
C SER A 405 24.19 28.23 24.34
N LEU A 406 22.96 28.24 23.82
CA LEU A 406 21.84 27.63 24.54
C LEU A 406 21.72 26.14 24.24
N LEU A 407 22.24 25.69 23.10
CA LEU A 407 22.11 24.31 22.67
C LEU A 407 23.37 23.49 22.89
N GLU A 408 24.34 24.00 23.66
CA GLU A 408 25.54 23.24 23.93
C GLU A 408 25.38 22.26 25.08
N SER A 409 24.45 22.52 26.00
CA SER A 409 24.15 21.58 27.07
C SER A 409 22.84 20.85 26.82
N ASN A 410 21.87 21.52 26.21
CA ASN A 410 20.60 20.90 25.85
C ASN A 410 20.66 20.39 24.43
N LYS A 411 20.12 19.19 24.23
CA LYS A 411 20.09 18.57 22.91
C LYS A 411 18.69 18.22 22.44
N ASP A 412 17.83 17.74 23.33
CA ASP A 412 16.44 17.47 22.97
C ASP A 412 15.57 18.68 23.29
N LEU A 413 15.97 19.83 22.76
CA LEU A 413 15.28 21.09 22.97
C LEU A 413 15.01 21.72 21.61
N LEU A 414 13.73 21.93 21.30
CA LEU A 414 13.38 22.71 20.11
C LEU A 414 13.56 24.18 20.42
N LEU A 415 14.34 24.87 19.60
CA LEU A 415 14.66 26.28 19.82
C LEU A 415 14.17 27.07 18.61
N THR A 416 13.06 27.77 18.77
CA THR A 416 12.48 28.58 17.70
C THR A 416 13.03 30.00 17.82
N SER A 417 13.85 30.39 16.87
CA SER A 417 14.49 31.69 16.88
C SER A 417 14.16 32.46 15.61
N SER A 418 14.72 33.65 15.48
CA SER A 418 14.55 34.50 14.29
C SER A 418 15.74 34.38 13.35
N TYR A 419 16.31 33.19 13.24
CA TYR A 419 17.59 33.02 12.54
C TYR A 419 17.45 33.14 11.04
N LEU A 420 16.32 32.71 10.47
CA LEU A 420 16.09 32.78 9.04
C LEU A 420 15.30 34.01 8.63
N SER A 421 15.09 34.96 9.55
CA SER A 421 14.21 36.09 9.28
C SER A 421 14.92 37.25 8.58
N ASP A 422 16.01 37.00 7.86
CA ASP A 422 16.65 38.03 7.06
C ASP A 422 15.98 38.09 5.70
N SER A 423 16.59 38.83 4.76
CA SER A 423 15.95 39.02 3.45
C SER A 423 16.08 37.77 2.60
N GLY A 424 17.30 37.35 2.32
CA GLY A 424 17.50 36.22 1.42
C GLY A 424 17.16 36.51 -0.02
N SER A 425 17.43 37.74 -0.48
CA SER A 425 17.07 38.14 -1.84
C SER A 425 17.93 37.42 -2.87
N THR A 426 19.11 36.96 -2.48
CA THR A 426 19.86 36.03 -3.30
C THR A 426 19.75 34.62 -2.71
N GLY A 427 19.95 33.62 -3.56
CA GLY A 427 19.68 32.25 -3.14
C GLY A 427 20.77 31.66 -2.26
N GLU A 428 22.02 32.01 -2.52
CA GLU A 428 23.13 31.47 -1.72
C GLU A 428 23.26 32.15 -0.37
N HIS A 429 22.50 33.20 -0.09
CA HIS A 429 22.43 33.70 1.28
C HIS A 429 21.65 32.74 2.16
N THR A 430 20.51 32.26 1.67
CA THR A 430 19.71 31.30 2.42
C THR A 430 20.31 29.91 2.36
N LYS A 431 21.02 29.59 1.28
CA LYS A 431 21.72 28.31 1.19
C LYS A 431 22.86 28.24 2.20
N SER A 432 23.64 29.32 2.32
CA SER A 432 24.71 29.35 3.31
C SER A 432 24.19 29.52 4.73
N LEU A 433 22.99 30.06 4.91
CA LEU A 433 22.42 30.21 6.25
C LEU A 433 21.85 28.91 6.80
N VAL A 434 21.40 28.01 5.93
CA VAL A 434 20.89 26.71 6.36
C VAL A 434 22.03 25.72 6.56
N THR A 435 22.98 25.67 5.62
CA THR A 435 24.06 24.70 5.70
C THR A 435 25.15 25.09 6.68
N GLN A 436 25.07 26.26 7.31
CA GLN A 436 25.97 26.58 8.40
C GLN A 436 25.38 26.20 9.75
N TYR A 437 24.05 26.19 9.84
CA TYR A 437 23.40 25.74 11.07
C TYR A 437 23.51 24.23 11.24
N LEU A 438 23.35 23.48 10.15
CA LEU A 438 23.43 22.03 10.24
C LEU A 438 24.87 21.56 10.40
N ASN A 439 25.83 22.31 9.86
CA ASN A 439 27.24 21.98 10.02
C ASN A 439 27.71 22.24 11.44
N ALA A 440 27.19 23.29 12.09
CA ALA A 440 27.65 23.65 13.43
C ALA A 440 26.97 22.82 14.50
N THR A 441 25.73 22.37 14.27
CA THR A 441 25.03 21.56 15.25
C THR A 441 25.16 20.06 15.00
N GLY A 442 25.93 19.66 13.99
CA GLY A 442 26.21 18.26 13.78
C GLY A 442 25.07 17.45 13.24
N ASN A 443 24.18 18.07 12.46
CA ASN A 443 23.03 17.44 11.80
C ASN A 443 22.09 16.78 12.80
N ARG A 444 21.79 17.51 13.88
CA ARG A 444 20.83 17.04 14.87
C ARG A 444 19.43 17.45 14.44
N TRP A 445 18.43 17.09 15.24
CA TRP A 445 17.04 17.44 14.95
C TRP A 445 16.81 18.87 15.39
N CYS A 446 16.48 19.74 14.44
CA CYS A 446 16.27 21.14 14.70
C CYS A 446 14.83 21.53 14.40
N SER A 447 14.56 22.82 14.55
CA SER A 447 13.25 23.40 14.28
C SER A 447 13.44 24.48 13.24
N TRP A 448 12.54 24.55 12.27
CA TRP A 448 12.64 25.51 11.17
C TRP A 448 11.47 26.48 11.26
N SER A 449 11.78 27.77 11.35
CA SER A 449 10.78 28.80 11.60
C SER A 449 11.33 30.13 11.13
N LEU A 450 10.43 31.07 10.86
CA LEU A 450 10.84 32.43 10.57
C LEU A 450 10.83 33.32 11.81
N SER A 451 10.14 32.91 12.86
CA SER A 451 10.04 33.71 14.08
C SER A 451 9.68 32.78 15.23
N GLN A 452 9.34 33.39 16.37
CA GLN A 452 8.92 32.63 17.54
C GLN A 452 7.43 32.80 17.87
N ALA A 453 6.84 33.96 17.57
CA ALA A 453 5.42 34.14 17.80
C ALA A 453 4.78 35.01 16.73
N ARG A 454 5.31 34.98 15.51
CA ARG A 454 4.90 35.95 14.50
C ARG A 454 4.68 35.25 13.16
N LEU A 455 3.84 35.83 12.33
CA LEU A 455 3.34 35.23 11.10
C LEU A 455 4.36 35.38 9.96
N LEU A 456 4.04 34.74 8.84
CA LEU A 456 4.92 34.72 7.68
C LEU A 456 4.80 35.95 6.80
N THR A 457 3.73 36.74 6.94
CA THR A 457 3.58 37.92 6.10
C THR A 457 4.47 39.06 6.60
N SER A 458 4.86 39.02 7.86
CA SER A 458 6.01 39.79 8.28
C SER A 458 7.27 39.17 7.70
N PHE A 459 8.26 40.03 7.42
CA PHE A 459 9.59 39.75 6.85
C PHE A 459 9.56 39.29 5.41
N LEU A 460 8.39 39.09 4.81
CA LEU A 460 8.28 38.47 3.49
C LEU A 460 7.21 39.19 2.69
N PRO A 461 7.44 39.43 1.40
CA PRO A 461 6.36 39.87 0.53
C PRO A 461 5.44 38.72 0.14
N ALA A 462 4.38 39.00 -0.61
CA ALA A 462 3.40 37.98 -0.93
C ALA A 462 3.79 37.13 -2.13
N GLN A 463 4.87 37.46 -2.83
CA GLN A 463 5.31 36.65 -3.95
C GLN A 463 6.37 35.64 -3.57
N LEU A 464 7.02 35.80 -2.42
CA LEU A 464 7.93 34.82 -1.85
C LEU A 464 7.25 33.95 -0.81
N LEU A 465 5.92 33.87 -0.82
CA LEU A 465 5.18 33.29 0.28
C LEU A 465 4.90 31.81 0.06
N ARG A 466 4.77 31.39 -1.21
CA ARG A 466 4.65 29.98 -1.52
C ARG A 466 6.00 29.30 -1.67
N LEU A 467 7.04 30.08 -1.96
CA LEU A 467 8.40 29.56 -2.05
C LEU A 467 8.94 29.13 -0.69
N TYR A 468 8.52 29.81 0.38
CA TYR A 468 9.01 29.48 1.71
C TYR A 468 8.24 28.35 2.37
N GLN A 469 7.02 28.07 1.90
CA GLN A 469 6.29 26.93 2.43
C GLN A 469 6.81 25.62 1.85
N LEU A 470 7.32 25.64 0.62
CA LEU A 470 7.94 24.45 0.06
C LEU A 470 9.27 24.14 0.73
N MET A 471 10.01 25.18 1.13
CA MET A 471 11.29 24.97 1.80
C MET A 471 11.12 24.45 3.23
N LEU A 472 10.15 25.01 3.96
CA LEU A 472 9.98 24.65 5.37
C LEU A 472 9.42 23.25 5.54
N PHE A 473 8.75 22.71 4.52
CA PHE A 473 8.24 21.35 4.57
C PHE A 473 9.23 20.31 4.05
N THR A 474 10.34 20.74 3.46
CA THR A 474 11.31 19.82 2.90
C THR A 474 12.70 19.95 3.51
N LEU A 475 12.84 20.64 4.63
CA LEU A 475 14.10 20.70 5.35
C LEU A 475 14.10 19.68 6.48
N PRO A 476 15.28 19.17 6.87
CA PRO A 476 15.33 18.17 7.95
C PRO A 476 15.07 18.77 9.33
N GLY A 477 13.90 18.51 9.87
CA GLY A 477 13.50 19.06 11.16
C GLY A 477 12.00 19.20 11.24
N THR A 478 11.56 19.94 12.25
CA THR A 478 10.14 20.15 12.49
C THR A 478 9.75 21.55 12.06
N PRO A 479 8.78 21.72 11.16
CA PRO A 479 8.33 23.08 10.80
C PRO A 479 7.25 23.57 11.77
N VAL A 480 7.40 24.81 12.22
CA VAL A 480 6.47 25.43 13.15
C VAL A 480 5.86 26.64 12.46
N PHE A 481 4.52 26.69 12.42
CA PHE A 481 3.79 27.79 11.81
C PHE A 481 2.87 28.44 12.81
N SER A 482 2.54 29.69 12.56
CA SER A 482 1.51 30.39 13.30
C SER A 482 0.15 30.19 12.65
N TYR A 483 -0.91 30.57 13.34
CA TYR A 483 -2.23 30.49 12.76
C TYR A 483 -2.41 31.58 11.71
N GLY A 484 -3.02 31.21 10.60
CA GLY A 484 -3.09 32.13 9.48
C GLY A 484 -1.87 32.14 8.61
N ASP A 485 -1.14 31.03 8.53
CA ASP A 485 -0.02 30.96 7.62
C ASP A 485 -0.33 30.08 6.42
N GLU A 486 -1.38 29.28 6.51
CA GLU A 486 -1.80 28.45 5.38
C GLU A 486 -2.64 29.21 4.37
N ILE A 487 -3.31 30.29 4.79
CA ILE A 487 -4.08 31.13 3.89
C ILE A 487 -3.36 32.41 3.53
N GLY A 488 -2.21 32.68 4.14
CA GLY A 488 -1.47 33.90 3.86
C GLY A 488 -2.11 35.12 4.49
N LEU A 489 -2.47 35.02 5.77
CA LEU A 489 -3.19 36.09 6.46
C LEU A 489 -2.24 37.25 6.74
N ASP A 490 -2.51 38.40 6.13
CA ASP A 490 -1.69 39.58 6.32
C ASP A 490 -2.32 40.48 7.36
N ALA A 491 -1.52 40.89 8.36
CA ALA A 491 -2.03 41.73 9.43
C ALA A 491 -2.12 43.19 9.02
N ALA A 492 -1.34 43.60 8.01
CA ALA A 492 -1.37 44.98 7.53
C ALA A 492 -2.32 45.18 6.37
N ALA A 493 -2.99 44.13 5.90
CA ALA A 493 -3.95 44.26 4.80
C ALA A 493 -5.23 44.94 5.25
N LEU A 494 -5.85 44.43 6.29
CA LEU A 494 -7.03 45.07 6.84
C LEU A 494 -6.62 46.12 7.87
N PRO A 495 -7.15 47.34 7.80
CA PRO A 495 -6.79 48.36 8.79
C PRO A 495 -7.47 48.13 10.12
N GLY A 496 -6.86 48.66 11.17
CA GLY A 496 -7.41 48.53 12.50
C GLY A 496 -7.28 47.17 13.12
N GLN A 497 -6.15 46.49 12.89
CA GLN A 497 -5.87 45.19 13.47
C GLN A 497 -4.57 45.29 14.25
N PRO A 498 -4.52 44.71 15.45
CA PRO A 498 -3.23 44.57 16.13
C PRO A 498 -2.36 43.55 15.40
N MET A 499 -1.09 43.90 15.20
CA MET A 499 -0.21 43.04 14.42
C MET A 499 0.25 41.83 15.21
N GLU A 500 0.04 41.82 16.52
CA GLU A 500 0.38 40.64 17.32
C GLU A 500 -0.73 39.59 17.29
N ALA A 501 -1.97 39.99 17.01
CA ALA A 501 -3.11 39.07 17.00
C ALA A 501 -4.17 39.56 16.03
N PRO A 502 -4.06 39.23 14.74
CA PRO A 502 -5.13 39.53 13.80
C PRO A 502 -6.22 38.47 13.84
N VAL A 503 -7.40 38.85 13.36
CA VAL A 503 -8.54 37.93 13.36
C VAL A 503 -8.36 36.90 12.25
N MET A 504 -8.91 35.71 12.47
CA MET A 504 -8.85 34.67 11.46
C MET A 504 -10.03 34.82 10.50
N LEU A 505 -9.73 34.84 9.21
CA LEU A 505 -10.74 35.04 8.18
C LEU A 505 -11.34 33.68 7.83
N TRP A 506 -12.37 33.30 8.58
CA TRP A 506 -13.08 32.04 8.35
C TRP A 506 -14.08 32.17 7.21
N ASP A 507 -14.96 33.15 7.29
CA ASP A 507 -15.97 33.40 6.27
C ASP A 507 -15.88 34.84 5.80
N GLU A 508 -16.86 35.28 5.01
CA GLU A 508 -16.97 36.71 4.72
C GLU A 508 -17.61 37.47 5.87
N SER A 509 -18.22 36.77 6.82
CA SER A 509 -18.76 37.36 8.04
C SER A 509 -17.77 37.31 9.20
N SER A 510 -16.48 37.18 8.90
CA SER A 510 -15.49 37.04 9.96
C SER A 510 -14.95 38.38 10.44
N PHE A 511 -14.98 39.41 9.58
CA PHE A 511 -14.55 40.76 9.95
C PHE A 511 -15.73 41.69 9.69
N PRO A 512 -16.67 41.81 10.64
CA PRO A 512 -17.85 42.63 10.40
C PRO A 512 -17.67 44.09 10.80
N ASP A 513 -16.44 44.49 11.14
CA ASP A 513 -16.19 45.87 11.53
C ASP A 513 -16.28 46.81 10.33
N ILE A 514 -15.52 46.54 9.28
CA ILE A 514 -15.63 47.30 8.04
C ILE A 514 -16.31 46.41 7.00
N PRO A 515 -17.48 46.79 6.50
CA PRO A 515 -18.23 45.88 5.63
C PRO A 515 -17.64 45.83 4.22
N GLY A 516 -17.69 44.63 3.63
CA GLY A 516 -17.22 44.41 2.28
C GLY A 516 -15.74 44.62 2.07
N ALA A 517 -14.95 44.43 3.14
CA ALA A 517 -13.51 44.68 3.08
C ALA A 517 -12.68 43.47 2.71
N VAL A 518 -13.19 42.26 2.90
CA VAL A 518 -12.46 41.04 2.58
C VAL A 518 -13.11 40.38 1.37
N SER A 519 -12.29 39.69 0.58
CA SER A 519 -12.71 39.03 -0.64
C SER A 519 -12.93 37.55 -0.37
N ALA A 520 -13.12 36.77 -1.44
CA ALA A 520 -13.32 35.33 -1.31
C ALA A 520 -12.02 34.56 -1.36
N ASN A 521 -11.03 35.04 -2.12
CA ASN A 521 -9.73 34.38 -2.17
C ASN A 521 -8.84 34.70 -0.98
N MET A 522 -9.30 35.56 -0.08
CA MET A 522 -8.57 35.96 1.12
C MET A 522 -9.09 35.22 2.35
N THR A 523 -9.74 34.08 2.14
CA THR A 523 -10.55 33.47 3.18
C THR A 523 -10.35 31.95 3.14
N VAL A 524 -10.63 31.28 4.26
CA VAL A 524 -10.54 29.83 4.34
C VAL A 524 -11.58 29.16 3.45
N LYS A 525 -12.81 29.68 3.43
CA LYS A 525 -13.90 29.05 2.68
C LYS A 525 -13.66 29.14 1.16
N GLY A 526 -13.14 30.26 0.69
CA GLY A 526 -12.89 30.40 -0.74
C GLY A 526 -11.66 29.68 -1.22
N GLN A 527 -10.62 29.59 -0.39
CA GLN A 527 -9.40 28.89 -0.78
C GLN A 527 -9.53 27.38 -0.67
N SER A 528 -10.55 26.89 0.03
CA SER A 528 -10.70 25.45 0.25
C SER A 528 -11.12 24.74 -1.03
N GLU A 529 -11.81 25.43 -1.93
CA GLU A 529 -12.24 24.86 -3.20
C GLU A 529 -11.36 25.26 -4.37
N ASP A 530 -10.53 26.29 -4.20
CA ASP A 530 -9.59 26.70 -5.24
C ASP A 530 -8.40 25.75 -5.26
N PRO A 531 -8.16 25.02 -6.37
CA PRO A 531 -7.01 24.11 -6.41
C PRO A 531 -5.67 24.80 -6.67
N GLY A 532 -5.63 26.12 -6.78
CA GLY A 532 -4.39 26.82 -7.00
C GLY A 532 -4.13 27.86 -5.93
N SER A 533 -4.77 27.71 -4.78
CA SER A 533 -4.67 28.67 -3.70
C SER A 533 -3.48 28.31 -2.80
N LEU A 534 -3.29 29.09 -1.74
CA LEU A 534 -2.22 28.82 -0.77
C LEU A 534 -2.61 27.74 0.23
N LEU A 535 -3.89 27.65 0.57
CA LEU A 535 -4.36 26.59 1.45
C LEU A 535 -4.31 25.24 0.76
N SER A 536 -4.47 25.21 -0.56
CA SER A 536 -4.37 23.96 -1.30
C SER A 536 -2.94 23.47 -1.42
N LEU A 537 -1.97 24.37 -1.55
CA LEU A 537 -0.57 23.99 -1.57
C LEU A 537 -0.09 23.56 -0.18
N PHE A 538 -0.65 24.15 0.87
CA PHE A 538 -0.31 23.76 2.23
C PHE A 538 -0.76 22.33 2.53
N ARG A 539 -1.97 21.97 2.11
CA ARG A 539 -2.46 20.61 2.34
C ARG A 539 -1.75 19.61 1.44
N ARG A 540 -1.28 20.04 0.28
CA ARG A 540 -0.59 19.15 -0.63
C ARG A 540 0.88 18.94 -0.28
N LEU A 541 1.44 19.81 0.58
CA LEU A 541 2.78 19.60 1.12
C LEU A 541 2.76 18.97 2.50
N SER A 542 1.69 19.15 3.26
CA SER A 542 1.64 18.61 4.61
C SER A 542 1.38 17.10 4.62
N ASP A 543 0.71 16.58 3.60
CA ASP A 543 0.42 15.14 3.59
C ASP A 543 1.64 14.33 3.17
N GLN A 544 2.51 14.92 2.35
CA GLN A 544 3.69 14.20 1.91
C GLN A 544 4.86 14.34 2.87
N ARG A 545 4.86 15.40 3.68
CA ARG A 545 5.79 15.47 4.80
C ARG A 545 5.48 14.40 5.84
N SER A 546 4.21 14.03 5.98
CA SER A 546 3.78 13.13 7.03
C SER A 546 3.77 11.66 6.63
N LYS A 547 4.00 11.32 5.36
CA LYS A 547 3.94 9.93 4.94
C LYS A 547 5.14 9.42 4.17
N GLU A 548 5.92 10.30 3.54
CA GLU A 548 7.07 9.87 2.75
C GLU A 548 8.26 9.67 3.68
N ARG A 549 8.92 8.53 3.54
CA ARG A 549 9.92 8.12 4.53
C ARG A 549 11.23 8.89 4.37
N SER A 550 11.55 9.34 3.16
CA SER A 550 12.78 10.10 2.97
C SER A 550 12.60 11.58 3.24
N LEU A 551 11.39 12.03 3.56
CA LEU A 551 11.18 13.36 4.11
C LEU A 551 10.96 13.34 5.62
N LEU A 552 10.60 12.20 6.20
CA LEU A 552 10.42 12.11 7.64
C LEU A 552 11.77 12.09 8.35
N HIS A 553 12.67 11.20 7.93
CA HIS A 553 13.98 11.09 8.54
C HIS A 553 15.07 10.84 7.52
N GLY A 554 14.91 11.36 6.30
CA GLY A 554 15.91 11.17 5.29
C GLY A 554 17.11 12.06 5.49
N ASP A 555 18.19 11.75 4.77
CA ASP A 555 19.39 12.56 4.84
C ASP A 555 19.22 13.82 4.00
N PHE A 556 20.15 14.75 4.16
CA PHE A 556 20.11 16.04 3.49
C PHE A 556 21.44 16.27 2.81
N HIS A 557 21.42 16.74 1.56
CA HIS A 557 22.64 16.97 0.80
C HIS A 557 22.36 18.09 -0.21
N ALA A 558 22.83 19.29 0.11
CA ALA A 558 22.71 20.41 -0.80
C ALA A 558 23.90 20.45 -1.74
N PHE A 559 23.67 20.95 -2.96
CA PHE A 559 24.73 21.03 -3.95
C PHE A 559 24.64 22.38 -4.67
N SER A 560 25.65 22.64 -5.49
CA SER A 560 25.78 23.93 -6.13
C SER A 560 25.00 23.97 -7.45
N ALA A 561 24.70 25.19 -7.87
CA ALA A 561 23.86 25.47 -9.03
C ALA A 561 24.35 26.77 -9.66
N GLY A 562 23.48 27.44 -10.40
CA GLY A 562 23.81 28.70 -11.05
C GLY A 562 24.04 29.87 -10.11
N PRO A 563 23.83 31.11 -10.62
CA PRO A 563 24.21 32.31 -9.85
C PRO A 563 23.46 32.52 -8.53
N GLY A 564 22.13 32.60 -8.57
CA GLY A 564 21.41 32.54 -7.31
C GLY A 564 20.18 31.67 -7.33
N LEU A 565 20.20 30.58 -6.57
CA LEU A 565 19.14 29.59 -6.37
C LEU A 565 19.62 28.56 -5.37
N PHE A 566 18.69 27.78 -4.85
CA PHE A 566 18.92 26.81 -3.78
C PHE A 566 18.42 25.45 -4.25
N SER A 567 19.27 24.43 -4.16
CA SER A 567 18.93 23.09 -4.59
C SER A 567 19.46 22.07 -3.59
N TYR A 568 18.64 21.06 -3.28
CA TYR A 568 19.04 20.01 -2.35
C TYR A 568 18.23 18.74 -2.61
N ILE A 569 18.68 17.66 -1.97
CA ILE A 569 18.13 16.31 -2.17
C ILE A 569 17.87 15.68 -0.80
N ARG A 570 16.67 15.14 -0.61
CA ARG A 570 16.35 14.35 0.57
C ARG A 570 16.26 12.87 0.16
N HIS A 571 16.98 12.01 0.88
CA HIS A 571 17.03 10.59 0.55
C HIS A 571 17.18 9.74 1.79
N TRP A 572 16.52 8.59 1.77
CA TRP A 572 16.64 7.54 2.78
C TRP A 572 17.23 6.33 2.06
N ASP A 573 17.21 5.15 2.70
CA ASP A 573 17.99 3.99 2.25
C ASP A 573 17.57 3.52 0.86
N GLN A 574 16.35 3.02 0.72
CA GLN A 574 15.87 2.53 -0.56
C GLN A 574 14.52 3.10 -0.96
N ASN A 575 14.00 4.09 -0.25
CA ASN A 575 12.73 4.70 -0.62
C ASN A 575 12.95 5.73 -1.72
N GLU A 576 11.85 6.34 -2.16
CA GLU A 576 11.90 7.25 -3.32
C GLU A 576 12.50 8.58 -2.91
N ARG A 577 13.43 9.08 -3.71
CA ARG A 577 14.15 10.30 -3.40
C ARG A 577 13.32 11.53 -3.77
N PHE A 578 13.80 12.70 -3.33
CA PHE A 578 13.16 13.97 -3.63
C PHE A 578 14.23 14.99 -4.01
N LEU A 579 13.85 15.94 -4.86
CA LEU A 579 14.75 16.98 -5.33
C LEU A 579 13.99 18.29 -5.35
N VAL A 580 14.51 19.30 -4.66
CA VAL A 580 13.87 20.60 -4.53
C VAL A 580 14.77 21.64 -5.18
N VAL A 581 14.21 22.41 -6.11
CA VAL A 581 14.92 23.52 -6.75
C VAL A 581 14.12 24.78 -6.49
N LEU A 582 14.75 25.77 -5.87
CA LEU A 582 14.09 27.00 -5.47
C LEU A 582 14.82 28.19 -6.08
N ASN A 583 14.09 29.03 -6.80
CA ASN A 583 14.67 30.22 -7.44
C ASN A 583 14.22 31.46 -6.68
N PHE A 584 15.17 32.13 -6.03
CA PHE A 584 14.90 33.34 -5.28
C PHE A 584 15.13 34.61 -6.10
N GLY A 585 15.59 34.48 -7.34
CA GLY A 585 15.87 35.63 -8.18
C GLY A 585 14.62 36.19 -8.83
N ASP A 586 14.84 37.05 -9.81
CA ASP A 586 13.75 37.74 -10.49
C ASP A 586 13.76 37.58 -12.00
N VAL A 587 14.75 36.90 -12.57
CA VAL A 587 14.78 36.68 -14.01
C VAL A 587 14.68 35.19 -14.29
N GLY A 588 14.48 34.86 -15.56
CA GLY A 588 14.28 33.49 -15.99
C GLY A 588 15.57 32.70 -16.06
N LEU A 589 16.09 32.35 -14.89
CA LEU A 589 17.38 31.69 -14.78
C LEU A 589 17.27 30.19 -15.03
N SER A 590 18.23 29.65 -15.79
CA SER A 590 18.33 28.20 -15.97
C SER A 590 18.96 27.57 -14.75
N ALA A 591 18.64 26.29 -14.51
CA ALA A 591 19.07 25.63 -13.28
C ALA A 591 20.57 25.33 -13.30
N GLY A 592 20.99 24.46 -14.20
CA GLY A 592 22.39 24.08 -14.29
C GLY A 592 22.86 23.25 -13.11
N LEU A 593 22.18 22.13 -12.84
CA LEU A 593 22.52 21.29 -11.72
C LEU A 593 23.62 20.31 -12.12
N GLN A 594 24.67 20.23 -11.31
CA GLN A 594 25.74 19.26 -11.50
C GLN A 594 25.70 18.23 -10.38
N ALA A 595 25.94 16.97 -10.72
CA ALA A 595 25.94 15.87 -9.77
C ALA A 595 27.33 15.36 -9.45
N SER A 596 28.31 16.26 -9.33
CA SER A 596 29.68 15.83 -9.15
C SER A 596 29.96 15.33 -7.73
N ASP A 597 29.74 16.16 -6.71
CA ASP A 597 30.08 15.80 -5.34
C ASP A 597 28.87 15.34 -4.54
N LEU A 598 27.90 14.71 -5.20
CA LEU A 598 26.83 13.99 -4.54
C LEU A 598 27.31 12.58 -4.24
N PRO A 599 26.81 11.96 -3.17
CA PRO A 599 27.15 10.55 -2.91
C PRO A 599 26.55 9.64 -3.95
N ALA A 600 27.28 8.55 -4.24
CA ALA A 600 26.90 7.65 -5.32
C ALA A 600 25.74 6.74 -4.96
N SER A 601 25.29 6.76 -3.70
CA SER A 601 24.08 6.04 -3.33
C SER A 601 22.82 6.65 -3.92
N ALA A 602 22.74 7.97 -3.98
CA ALA A 602 21.53 8.68 -4.41
C ALA A 602 21.87 9.78 -5.41
N SER A 603 22.68 9.47 -6.41
CA SER A 603 22.95 10.44 -7.46
C SER A 603 21.74 10.56 -8.39
N LEU A 604 21.69 11.68 -9.12
CA LEU A 604 20.45 11.99 -9.83
C LEU A 604 20.44 11.43 -11.24
N PRO A 605 19.28 10.97 -11.73
CA PRO A 605 19.21 10.39 -13.08
C PRO A 605 19.06 11.44 -14.16
N ALA A 606 18.82 10.99 -15.39
CA ALA A 606 18.64 11.92 -16.50
C ALA A 606 17.23 12.51 -16.54
N LYS A 607 16.22 11.78 -16.04
CA LYS A 607 14.84 12.24 -16.04
C LYS A 607 14.24 12.07 -14.66
N ALA A 608 13.39 13.01 -14.27
CA ALA A 608 12.72 12.96 -12.97
C ALA A 608 11.25 13.30 -13.14
N ASP A 609 10.40 12.64 -12.37
CA ASP A 609 8.97 12.91 -12.40
C ASP A 609 8.65 14.15 -11.58
N LEU A 610 7.88 15.06 -12.15
CA LEU A 610 7.45 16.24 -11.42
C LEU A 610 6.30 15.88 -10.49
N LEU A 611 6.31 16.49 -9.30
CA LEU A 611 5.26 16.26 -8.31
C LEU A 611 4.38 17.47 -8.12
N LEU A 612 4.95 18.66 -7.92
CA LEU A 612 4.18 19.89 -7.91
C LEU A 612 5.08 21.07 -8.28
N SER A 613 4.45 22.24 -8.37
CA SER A 613 5.15 23.49 -8.59
C SER A 613 4.34 24.60 -7.94
N THR A 614 5.01 25.71 -7.65
CA THR A 614 4.34 26.80 -6.96
C THR A 614 3.52 27.65 -7.93
N GLN A 615 4.00 27.79 -9.16
CA GLN A 615 3.22 28.52 -10.16
C GLN A 615 2.65 27.55 -11.18
N PRO A 616 1.45 27.79 -11.72
CA PRO A 616 0.89 26.87 -12.72
C PRO A 616 1.55 27.06 -14.08
N GLY A 617 1.48 26.00 -14.89
CA GLY A 617 2.05 26.03 -16.21
C GLY A 617 2.95 24.85 -16.52
N ARG A 618 2.88 23.81 -15.69
CA ARG A 618 3.62 22.58 -15.92
C ARG A 618 2.70 21.39 -15.72
N GLU A 619 2.96 20.32 -16.46
CA GLU A 619 2.10 19.14 -16.41
C GLU A 619 2.68 18.17 -15.39
N GLU A 620 1.88 17.84 -14.38
CA GLU A 620 2.39 17.11 -13.23
C GLU A 620 2.31 15.60 -13.45
N GLY A 621 3.42 14.93 -13.20
CA GLY A 621 3.57 13.53 -13.56
C GLY A 621 4.42 13.29 -14.78
N SER A 622 4.98 14.34 -15.38
CA SER A 622 5.74 14.21 -16.61
C SER A 622 7.20 13.96 -16.31
N PRO A 623 7.82 12.94 -16.90
CA PRO A 623 9.28 12.80 -16.77
C PRO A 623 10.01 13.85 -17.59
N LEU A 624 10.56 14.86 -16.92
CA LEU A 624 11.30 15.92 -17.58
C LEU A 624 12.78 15.84 -17.25
N GLU A 625 13.61 16.16 -18.24
CA GLU A 625 15.04 15.99 -18.10
C GLU A 625 15.65 17.11 -17.28
N LEU A 626 16.69 16.76 -16.51
CA LEU A 626 17.35 17.68 -15.61
C LEU A 626 18.54 18.39 -16.24
N GLU A 627 18.87 18.06 -17.49
CA GLU A 627 19.97 18.71 -18.19
C GLU A 627 19.59 20.08 -18.70
N ARG A 628 18.33 20.25 -19.14
CA ARG A 628 17.82 21.53 -19.60
C ARG A 628 16.56 21.85 -18.82
N LEU A 629 16.75 22.58 -17.71
CA LEU A 629 15.68 22.90 -16.78
C LEU A 629 15.68 24.42 -16.59
N LYS A 630 14.91 25.11 -17.44
CA LYS A 630 14.79 26.56 -17.33
C LYS A 630 13.69 26.89 -16.32
N LEU A 631 13.93 27.91 -15.51
CA LEU A 631 13.10 28.18 -14.35
C LEU A 631 12.59 29.61 -14.36
N GLU A 632 11.36 29.79 -13.93
CA GLU A 632 10.71 31.10 -13.88
C GLU A 632 11.18 31.87 -12.65
N PRO A 633 10.96 33.20 -12.62
CA PRO A 633 11.19 33.94 -11.38
C PRO A 633 10.21 33.55 -10.28
N HIS A 634 10.75 33.46 -9.06
CA HIS A 634 10.02 33.10 -7.83
C HIS A 634 9.32 31.74 -7.97
N GLU A 635 10.01 30.80 -8.61
CA GLU A 635 9.46 29.49 -8.95
C GLU A 635 10.19 28.43 -8.14
N GLY A 636 9.43 27.55 -7.49
CA GLY A 636 9.98 26.39 -6.82
C GLY A 636 9.21 25.15 -7.19
N LEU A 637 9.93 24.08 -7.47
CA LEU A 637 9.31 22.85 -7.93
C LEU A 637 9.89 21.66 -7.19
N LEU A 638 9.08 20.63 -7.03
CA LEU A 638 9.41 19.43 -6.27
C LEU A 638 9.36 18.23 -7.21
N LEU A 639 10.49 17.54 -7.36
CA LEU A 639 10.61 16.37 -8.21
C LEU A 639 10.82 15.13 -7.35
N ARG A 640 10.75 13.96 -7.99
CA ARG A 640 11.03 12.71 -7.30
C ARG A 640 11.49 11.65 -8.30
N PHE A 641 12.37 10.77 -7.84
CA PHE A 641 12.99 9.76 -8.68
C PHE A 641 13.31 8.53 -7.83
N PRO A 642 13.15 7.32 -8.37
CA PRO A 642 13.25 6.12 -7.54
C PRO A 642 14.70 5.67 -7.34
N TYR A 643 14.85 4.68 -6.46
CA TYR A 643 16.15 4.12 -6.16
C TYR A 643 16.61 3.20 -7.29
N ALA A 644 17.74 3.53 -7.91
CA ALA A 644 18.17 2.81 -9.09
C ALA A 644 19.54 2.16 -8.88
N ALA A 645 19.84 1.14 -9.67
CA ALA A 645 21.12 0.44 -9.57
C ALA A 645 22.01 0.78 -10.75
N GLY B 61 -24.73 -36.27 4.71
CA GLY B 61 -24.41 -36.12 3.31
C GLY B 61 -24.18 -34.67 2.92
N LEU B 62 -25.04 -33.78 3.44
CA LEU B 62 -24.92 -32.36 3.11
C LEU B 62 -23.79 -31.71 3.89
N VAL B 63 -23.64 -32.06 5.18
CA VAL B 63 -22.63 -31.42 6.02
C VAL B 63 -21.22 -31.87 5.67
N SER B 64 -21.05 -33.07 5.10
CA SER B 64 -19.73 -33.47 4.66
C SER B 64 -19.42 -32.95 3.27
N ALA B 65 -20.45 -32.60 2.49
CA ALA B 65 -20.23 -32.05 1.16
C ALA B 65 -19.96 -30.55 1.21
N CYS B 66 -20.46 -29.87 2.25
CA CYS B 66 -20.17 -28.44 2.39
C CYS B 66 -18.71 -28.19 2.70
N GLY B 67 -18.07 -29.07 3.49
CA GLY B 67 -16.66 -28.91 3.79
C GLY B 67 -15.74 -29.21 2.64
N ILE B 68 -16.23 -29.93 1.63
CA ILE B 68 -15.45 -30.15 0.41
C ILE B 68 -15.36 -28.85 -0.39
N ILE B 69 -16.44 -28.09 -0.44
CA ILE B 69 -16.46 -26.85 -1.22
C ILE B 69 -15.72 -25.74 -0.50
N VAL B 70 -15.79 -25.70 0.84
CA VAL B 70 -15.03 -24.73 1.61
C VAL B 70 -13.53 -24.98 1.51
N GLY B 71 -13.09 -26.23 1.59
CA GLY B 71 -11.66 -26.51 1.58
C GLY B 71 -11.03 -26.35 0.22
N ASN B 72 -11.84 -26.26 -0.83
CA ASN B 72 -11.34 -26.13 -2.19
C ASN B 72 -11.40 -24.71 -2.73
N ILE B 73 -12.15 -23.82 -2.09
CA ILE B 73 -12.15 -22.42 -2.50
C ILE B 73 -11.13 -21.62 -1.70
N ILE B 74 -11.09 -21.86 -0.38
CA ILE B 74 -10.18 -21.14 0.51
C ILE B 74 -8.76 -21.63 0.25
N GLY B 75 -7.89 -20.72 -0.19
CA GLY B 75 -6.52 -21.06 -0.45
C GLY B 75 -5.55 -19.96 -0.09
N SER B 76 -4.61 -19.65 -0.98
CA SER B 76 -3.58 -18.65 -0.74
C SER B 76 -3.94 -17.30 -1.35
N GLY B 77 -5.23 -17.02 -1.51
CA GLY B 77 -5.67 -15.78 -2.10
C GLY B 77 -5.85 -14.67 -1.09
N ILE B 78 -6.14 -15.03 0.16
CA ILE B 78 -6.33 -14.03 1.21
C ILE B 78 -4.99 -13.43 1.67
N PHE B 79 -3.89 -13.99 1.21
CA PHE B 79 -2.58 -13.47 1.58
C PHE B 79 -1.96 -12.61 0.49
N VAL B 80 -2.63 -12.47 -0.64
CA VAL B 80 -2.08 -11.66 -1.74
C VAL B 80 -2.98 -10.55 -2.28
N SER B 81 -4.27 -10.86 -2.45
CA SER B 81 -5.24 -9.92 -2.99
C SER B 81 -5.53 -8.64 -2.20
N PRO B 82 -5.66 -8.78 -0.88
CA PRO B 82 -5.96 -7.63 -0.03
C PRO B 82 -5.27 -6.34 -0.42
N LYS B 83 -3.99 -6.43 -0.78
CA LYS B 83 -3.20 -5.27 -1.17
C LYS B 83 -3.57 -4.70 -2.53
N GLY B 84 -4.07 -5.55 -3.41
CA GLY B 84 -4.45 -5.11 -4.75
C GLY B 84 -5.89 -4.66 -4.83
N VAL B 85 -6.71 -5.14 -3.90
CA VAL B 85 -8.12 -4.78 -3.85
C VAL B 85 -8.27 -3.42 -3.18
N LEU B 86 -7.23 -3.02 -2.45
CA LEU B 86 -7.24 -1.72 -1.72
C LEU B 86 -6.58 -0.63 -2.54
N GLU B 87 -5.42 -0.94 -3.09
CA GLU B 87 -4.69 0.03 -3.90
C GLU B 87 -5.51 0.45 -5.13
N ASN B 88 -6.61 -0.25 -5.37
CA ASN B 88 -7.46 0.04 -6.52
C ASN B 88 -8.75 0.77 -6.15
N ALA B 89 -9.38 0.33 -5.07
CA ALA B 89 -10.63 0.94 -4.62
C ALA B 89 -10.43 2.25 -3.86
N GLY B 90 -9.21 2.53 -3.42
CA GLY B 90 -8.94 3.76 -2.70
C GLY B 90 -9.31 3.70 -1.23
N SER B 91 -10.61 3.72 -0.94
CA SER B 91 -11.12 3.73 0.42
C SER B 91 -10.98 2.37 1.08
N VAL B 92 -11.12 2.36 2.40
CA VAL B 92 -11.12 1.13 3.18
C VAL B 92 -12.53 0.52 3.20
N GLY B 93 -13.55 1.36 3.37
CA GLY B 93 -14.92 0.87 3.39
C GLY B 93 -15.42 0.45 2.03
N LEU B 94 -14.88 1.04 0.97
CA LEU B 94 -15.25 0.63 -0.38
C LEU B 94 -14.61 -0.69 -0.77
N ALA B 95 -13.43 -1.00 -0.22
CA ALA B 95 -12.79 -2.27 -0.49
C ALA B 95 -13.54 -3.43 0.14
N LEU B 96 -14.24 -3.19 1.25
CA LEU B 96 -15.08 -4.22 1.84
C LEU B 96 -16.39 -4.43 1.09
N ILE B 97 -16.77 -3.49 0.23
CA ILE B 97 -17.91 -3.72 -0.64
C ILE B 97 -17.53 -4.70 -1.75
N VAL B 98 -16.27 -4.64 -2.20
CA VAL B 98 -15.79 -5.52 -3.25
C VAL B 98 -15.74 -6.96 -2.76
N TRP B 99 -15.39 -7.17 -1.49
CA TRP B 99 -15.30 -8.53 -0.95
C TRP B 99 -16.67 -9.17 -0.73
N ILE B 100 -17.75 -8.40 -0.75
CA ILE B 100 -19.09 -8.95 -0.59
C ILE B 100 -19.77 -9.14 -1.94
N VAL B 101 -19.53 -8.22 -2.88
CA VAL B 101 -20.12 -8.36 -4.21
C VAL B 101 -19.47 -9.51 -4.98
N THR B 102 -18.15 -9.71 -4.78
CA THR B 102 -17.48 -10.83 -5.42
C THR B 102 -17.94 -12.17 -4.86
N GLY B 103 -18.29 -12.20 -3.57
CA GLY B 103 -18.85 -13.40 -2.99
C GLY B 103 -20.28 -13.65 -3.38
N PHE B 104 -20.97 -12.62 -3.88
CA PHE B 104 -22.34 -12.80 -4.37
C PHE B 104 -22.34 -13.19 -5.84
N ILE B 105 -21.38 -12.68 -6.61
CA ILE B 105 -21.28 -13.01 -8.03
C ILE B 105 -20.82 -14.46 -8.21
N THR B 106 -19.98 -14.95 -7.30
CA THR B 106 -19.49 -16.32 -7.38
C THR B 106 -20.59 -17.32 -7.02
N VAL B 107 -21.56 -16.91 -6.19
CA VAL B 107 -22.71 -17.77 -5.91
C VAL B 107 -23.60 -17.88 -7.14
N VAL B 108 -23.82 -16.76 -7.83
CA VAL B 108 -24.67 -16.76 -9.02
C VAL B 108 -24.01 -17.51 -10.16
N GLY B 109 -22.69 -17.41 -10.28
CA GLY B 109 -22.01 -18.10 -11.36
C GLY B 109 -21.90 -19.60 -11.14
N ALA B 110 -21.90 -20.04 -9.89
CA ALA B 110 -21.81 -21.45 -9.57
C ALA B 110 -23.15 -22.16 -9.60
N LEU B 111 -24.26 -21.44 -9.64
CA LEU B 111 -25.56 -22.08 -9.79
C LEU B 111 -25.89 -22.30 -11.27
N CYS B 112 -25.24 -21.55 -12.16
CA CYS B 112 -25.38 -21.81 -13.58
C CYS B 112 -24.49 -22.95 -14.05
N TYR B 113 -23.43 -23.25 -13.29
CA TYR B 113 -22.63 -24.45 -13.57
C TYR B 113 -23.27 -25.69 -13.00
N ALA B 114 -24.05 -25.56 -11.92
CA ALA B 114 -24.74 -26.69 -11.33
C ALA B 114 -25.98 -27.09 -12.12
N GLU B 115 -26.46 -26.22 -13.01
CA GLU B 115 -27.57 -26.59 -13.88
C GLU B 115 -27.05 -27.30 -15.13
N LEU B 116 -25.90 -26.88 -15.63
CA LEU B 116 -25.30 -27.53 -16.79
C LEU B 116 -24.69 -28.89 -16.46
N GLY B 117 -24.40 -29.14 -15.19
CA GLY B 117 -23.82 -30.41 -14.79
C GLY B 117 -24.80 -31.55 -14.69
N VAL B 118 -26.10 -31.25 -14.63
CA VAL B 118 -27.14 -32.27 -14.63
C VAL B 118 -27.99 -32.25 -15.89
N THR B 119 -27.84 -31.23 -16.74
CA THR B 119 -28.50 -31.21 -18.04
C THR B 119 -27.72 -32.03 -19.06
N ILE B 120 -26.42 -31.78 -19.16
CA ILE B 120 -25.52 -32.60 -19.99
C ILE B 120 -24.45 -33.21 -19.08
N PRO B 121 -24.69 -34.43 -18.57
CA PRO B 121 -23.74 -35.04 -17.60
C PRO B 121 -22.46 -35.45 -18.30
N LYS B 122 -21.40 -34.69 -18.06
CA LYS B 122 -20.15 -34.84 -18.78
C LYS B 122 -19.00 -34.83 -17.79
N SER B 123 -17.87 -35.41 -18.20
CA SER B 123 -16.61 -35.17 -17.51
C SER B 123 -15.79 -34.16 -18.30
N GLY B 124 -15.05 -33.31 -17.58
CA GLY B 124 -14.28 -32.24 -18.19
C GLY B 124 -14.71 -30.86 -17.72
N GLY B 125 -15.92 -30.74 -17.19
CA GLY B 125 -16.39 -29.49 -16.65
C GLY B 125 -16.79 -28.48 -17.71
N ASP B 126 -16.19 -27.29 -17.64
CA ASP B 126 -16.58 -26.22 -18.55
C ASP B 126 -16.03 -26.40 -19.95
N TYR B 127 -15.07 -27.31 -20.14
CA TYR B 127 -14.55 -27.55 -21.48
C TYR B 127 -15.55 -28.33 -22.33
N SER B 128 -16.30 -29.25 -21.73
CA SER B 128 -17.29 -30.03 -22.44
C SER B 128 -18.59 -29.29 -22.69
N TYR B 129 -18.87 -28.21 -21.93
CA TYR B 129 -20.10 -27.46 -22.14
C TYR B 129 -20.00 -26.58 -23.38
N VAL B 130 -18.80 -26.09 -23.68
CA VAL B 130 -18.59 -25.28 -24.88
C VAL B 130 -18.32 -26.19 -26.09
N LYS B 131 -18.31 -27.51 -25.89
CA LYS B 131 -18.27 -28.37 -27.07
C LYS B 131 -19.65 -28.92 -27.42
N ASP B 132 -20.63 -28.79 -26.53
CA ASP B 132 -22.00 -29.12 -26.90
C ASP B 132 -22.74 -27.93 -27.49
N ILE B 133 -22.38 -26.72 -27.09
CA ILE B 133 -22.90 -25.48 -27.66
C ILE B 133 -21.67 -24.78 -28.22
N PHE B 134 -21.75 -24.31 -29.47
CA PHE B 134 -20.63 -23.75 -30.23
C PHE B 134 -19.48 -24.76 -30.32
N GLY B 135 -19.77 -25.89 -30.95
CA GLY B 135 -19.04 -27.10 -30.70
C GLY B 135 -17.60 -27.20 -31.18
N GLY B 136 -17.30 -26.82 -32.41
CA GLY B 136 -15.98 -27.10 -32.94
C GLY B 136 -14.87 -26.19 -32.45
N LEU B 137 -14.95 -24.90 -32.82
CA LEU B 137 -13.84 -23.99 -32.60
C LEU B 137 -13.84 -23.44 -31.17
N ALA B 138 -15.02 -23.20 -30.61
CA ALA B 138 -15.08 -22.55 -29.31
C ALA B 138 -14.73 -23.49 -28.18
N GLY B 139 -14.85 -24.80 -28.39
CA GLY B 139 -14.41 -25.75 -27.38
C GLY B 139 -12.91 -25.87 -27.31
N PHE B 140 -12.24 -25.79 -28.46
CA PHE B 140 -10.77 -25.83 -28.49
C PHE B 140 -10.16 -24.61 -27.83
N LEU B 141 -10.80 -23.45 -27.96
CA LEU B 141 -10.24 -22.23 -27.36
C LEU B 141 -10.40 -22.23 -25.86
N ARG B 142 -11.38 -22.96 -25.33
CA ARG B 142 -11.47 -23.16 -23.89
C ARG B 142 -10.30 -23.99 -23.39
N LEU B 143 -9.93 -25.04 -24.12
CA LEU B 143 -8.78 -25.87 -23.81
C LEU B 143 -7.45 -25.17 -24.07
N TRP B 144 -7.37 -24.36 -25.13
CA TRP B 144 -6.12 -23.70 -25.52
C TRP B 144 -5.69 -22.68 -24.48
N ILE B 145 -6.62 -21.90 -23.95
CA ILE B 145 -6.30 -20.90 -22.94
C ILE B 145 -5.98 -21.58 -21.60
N ALA B 146 -6.71 -22.65 -21.27
CA ALA B 146 -6.61 -23.26 -19.95
C ALA B 146 -5.32 -24.05 -19.73
N VAL B 147 -4.57 -24.37 -20.78
CA VAL B 147 -3.30 -25.06 -20.58
C VAL B 147 -2.12 -24.15 -20.87
N LEU B 148 -2.35 -23.02 -21.53
CA LEU B 148 -1.29 -22.07 -21.83
C LEU B 148 -1.30 -20.84 -20.94
N VAL B 149 -2.46 -20.41 -20.48
CA VAL B 149 -2.60 -19.15 -19.76
C VAL B 149 -3.11 -19.36 -18.34
N ILE B 150 -4.16 -20.17 -18.17
CA ILE B 150 -4.84 -20.27 -16.88
C ILE B 150 -3.97 -21.01 -15.86
N TYR B 151 -3.66 -22.26 -16.13
CA TYR B 151 -2.92 -23.09 -15.19
C TYR B 151 -1.44 -22.72 -15.05
N PRO B 152 -0.67 -22.33 -16.12
CA PRO B 152 0.70 -21.84 -15.87
C PRO B 152 0.81 -20.57 -15.03
N THR B 153 -0.17 -19.68 -15.08
CA THR B 153 -0.03 -18.41 -14.39
C THR B 153 -0.67 -18.42 -13.00
N ASN B 154 -1.66 -19.29 -12.77
CA ASN B 154 -2.12 -19.56 -11.41
C ASN B 154 -1.03 -20.20 -10.56
N GLN B 155 -0.15 -21.00 -11.16
CA GLN B 155 0.93 -21.62 -10.42
C GLN B 155 2.09 -20.68 -10.20
N ALA B 156 2.33 -19.75 -11.13
CA ALA B 156 3.45 -18.84 -10.99
C ALA B 156 3.17 -17.73 -9.98
N VAL B 157 1.90 -17.45 -9.70
CA VAL B 157 1.57 -16.41 -8.74
C VAL B 157 1.71 -16.94 -7.32
N ILE B 158 1.28 -18.18 -7.08
CA ILE B 158 1.43 -18.79 -5.76
C ILE B 158 2.89 -19.10 -5.46
N ALA B 159 3.70 -19.36 -6.49
CA ALA B 159 5.11 -19.61 -6.27
C ALA B 159 5.86 -18.32 -5.95
N LEU B 160 5.44 -17.20 -6.54
CA LEU B 160 6.01 -15.90 -6.19
C LEU B 160 5.52 -15.40 -4.84
N THR B 161 4.38 -15.91 -4.36
CA THR B 161 3.92 -15.61 -3.02
C THR B 161 4.82 -16.27 -1.97
N PHE B 162 5.27 -17.50 -2.25
CA PHE B 162 6.09 -18.25 -1.31
C PHE B 162 7.45 -17.59 -1.10
N SER B 163 8.04 -17.03 -2.15
CA SER B 163 9.34 -16.38 -2.01
C SER B 163 9.21 -15.00 -1.39
N ASN B 164 8.04 -14.36 -1.50
CA ASN B 164 7.83 -13.08 -0.86
C ASN B 164 7.62 -13.19 0.63
N TYR B 165 7.12 -14.34 1.11
CA TYR B 165 6.80 -14.51 2.52
C TYR B 165 7.95 -15.04 3.34
N VAL B 166 8.89 -15.76 2.73
CA VAL B 166 10.06 -16.21 3.46
C VAL B 166 11.20 -15.22 3.38
N LEU B 167 11.08 -14.19 2.55
CA LEU B 167 12.09 -13.14 2.42
C LEU B 167 11.56 -11.79 2.91
N GLN B 168 10.49 -11.79 3.69
CA GLN B 168 10.07 -10.61 4.45
C GLN B 168 10.72 -10.43 5.83
N PRO B 169 10.92 -11.48 6.67
CA PRO B 169 11.66 -11.23 7.93
C PRO B 169 13.10 -10.79 7.73
N LEU B 170 13.80 -11.37 6.76
CA LEU B 170 14.97 -10.70 6.21
C LEU B 170 14.47 -9.58 5.30
N PHE B 171 15.21 -8.47 5.26
CA PHE B 171 14.84 -7.23 4.59
C PHE B 171 13.44 -6.73 4.98
N PRO B 172 13.21 -6.30 6.23
CA PRO B 172 11.84 -6.00 6.64
C PRO B 172 11.32 -4.65 6.17
N THR B 173 12.21 -3.75 5.76
CA THR B 173 11.83 -2.42 5.30
C THR B 173 12.32 -2.09 3.90
N CYS B 174 13.38 -2.72 3.42
CA CYS B 174 13.90 -2.48 2.09
C CYS B 174 13.40 -3.58 1.15
N PHE B 175 13.92 -3.60 -0.07
CA PHE B 175 13.50 -4.57 -1.06
C PHE B 175 14.41 -5.78 -1.07
N PRO B 176 13.87 -6.98 -1.18
CA PRO B 176 14.70 -8.16 -1.41
C PRO B 176 15.18 -8.18 -2.86
N PRO B 177 16.24 -8.93 -3.16
CA PRO B 177 16.71 -8.99 -4.55
C PRO B 177 15.72 -9.67 -5.48
N GLU B 178 15.49 -9.04 -6.62
CA GLU B 178 14.49 -9.53 -7.57
C GLU B 178 14.98 -10.76 -8.32
N SER B 179 16.28 -10.98 -8.38
CA SER B 179 16.85 -12.19 -8.96
C SER B 179 16.85 -13.36 -7.98
N GLY B 180 16.73 -13.09 -6.69
CA GLY B 180 16.58 -14.13 -5.70
C GLY B 180 15.16 -14.49 -5.35
N LEU B 181 14.20 -13.69 -5.81
CA LEU B 181 12.79 -14.05 -5.73
C LEU B 181 12.38 -15.05 -6.80
N ARG B 182 12.88 -14.85 -8.01
CA ARG B 182 12.56 -15.75 -9.09
C ARG B 182 13.24 -17.09 -8.83
N LEU B 183 14.51 -17.05 -8.43
CA LEU B 183 15.25 -18.27 -8.17
C LEU B 183 14.66 -19.12 -7.08
N LEU B 184 14.03 -18.51 -6.08
CA LEU B 184 13.42 -19.24 -4.98
C LEU B 184 12.04 -19.76 -5.34
N ALA B 185 11.39 -19.18 -6.34
CA ALA B 185 10.09 -19.65 -6.80
C ALA B 185 10.24 -20.79 -7.81
N ALA B 186 11.39 -20.88 -8.46
CA ALA B 186 11.68 -22.01 -9.33
C ALA B 186 12.11 -23.25 -8.55
N ILE B 187 12.58 -23.09 -7.32
CA ILE B 187 12.93 -24.21 -6.46
C ILE B 187 11.68 -24.88 -5.90
N CYS B 188 10.67 -24.07 -5.54
CA CYS B 188 9.41 -24.59 -5.03
C CYS B 188 8.65 -25.35 -6.12
N LEU B 189 8.72 -24.87 -7.35
CA LEU B 189 7.95 -25.48 -8.43
C LEU B 189 8.59 -26.78 -8.90
N LEU B 190 9.92 -26.78 -9.06
CA LEU B 190 10.61 -27.97 -9.55
C LEU B 190 10.62 -29.11 -8.54
N LEU B 191 10.49 -28.81 -7.25
CA LEU B 191 10.47 -29.88 -6.26
C LEU B 191 9.13 -30.59 -6.23
N LEU B 192 8.03 -29.83 -6.32
CA LEU B 192 6.70 -30.44 -6.24
C LEU B 192 6.32 -31.15 -7.52
N THR B 193 6.98 -30.84 -8.63
CA THR B 193 6.79 -31.61 -9.86
C THR B 193 7.40 -32.99 -9.73
N TRP B 194 8.56 -33.09 -9.08
CA TRP B 194 9.16 -34.40 -8.79
C TRP B 194 8.31 -35.21 -7.85
N VAL B 195 7.63 -34.55 -6.90
CA VAL B 195 6.73 -35.23 -5.98
C VAL B 195 5.49 -35.72 -6.71
N ASN B 196 5.13 -35.05 -7.82
CA ASN B 196 3.91 -35.41 -8.53
C ASN B 196 4.18 -36.39 -9.67
N CYS B 197 5.38 -36.34 -10.26
CA CYS B 197 5.71 -37.27 -11.33
C CYS B 197 5.93 -38.68 -10.78
N SER B 198 6.52 -38.78 -9.60
CA SER B 198 6.55 -40.05 -8.88
C SER B 198 5.28 -40.18 -8.04
N SER B 199 4.86 -41.42 -7.80
CA SER B 199 4.10 -41.80 -6.60
C SER B 199 2.89 -40.96 -6.24
N VAL B 200 1.79 -41.10 -6.99
CA VAL B 200 0.52 -40.40 -6.79
C VAL B 200 -0.01 -40.49 -5.34
N ARG B 201 0.38 -41.53 -4.61
CA ARG B 201 -0.01 -41.65 -3.21
C ARG B 201 0.76 -40.69 -2.31
N TRP B 202 1.94 -40.23 -2.75
CA TRP B 202 2.74 -39.34 -1.91
C TRP B 202 2.16 -37.93 -1.89
N ALA B 203 1.79 -37.42 -3.06
CA ALA B 203 1.31 -36.04 -3.16
C ALA B 203 -0.08 -35.85 -2.56
N THR B 204 -0.83 -36.94 -2.39
CA THR B 204 -2.10 -36.91 -1.68
C THR B 204 -1.93 -36.90 -0.16
N ARG B 205 -0.95 -37.64 0.35
CA ARG B 205 -0.70 -37.69 1.78
C ARG B 205 0.11 -36.51 2.30
N VAL B 206 0.83 -35.81 1.43
CA VAL B 206 1.58 -34.63 1.85
C VAL B 206 0.73 -33.36 1.75
N GLN B 207 -0.41 -33.41 1.07
CA GLN B 207 -1.27 -32.25 0.97
C GLN B 207 -2.24 -32.13 2.14
N ASP B 208 -2.14 -33.03 3.12
CA ASP B 208 -2.82 -32.86 4.39
C ASP B 208 -1.98 -32.08 5.39
N ILE B 209 -0.66 -32.10 5.26
CA ILE B 209 0.21 -31.28 6.09
C ILE B 209 0.16 -29.83 5.61
N PHE B 210 0.00 -29.62 4.30
CA PHE B 210 -0.15 -28.28 3.77
C PHE B 210 -1.51 -27.68 4.10
N THR B 211 -2.51 -28.54 4.33
CA THR B 211 -3.85 -28.05 4.67
C THR B 211 -3.89 -27.47 6.07
N ALA B 212 -3.17 -28.10 7.01
CA ALA B 212 -3.14 -27.61 8.39
C ALA B 212 -2.34 -26.31 8.51
N GLY B 213 -1.50 -26.01 7.52
CA GLY B 213 -0.78 -24.75 7.55
C GLY B 213 -1.67 -23.55 7.27
N LYS B 214 -2.62 -23.75 6.38
CA LYS B 214 -3.57 -22.72 5.98
C LYS B 214 -4.63 -22.48 7.05
N LEU B 215 -4.96 -23.52 7.81
CA LEU B 215 -5.95 -23.41 8.87
C LEU B 215 -5.37 -22.83 10.15
N LEU B 216 -4.11 -23.13 10.43
CA LEU B 216 -3.43 -22.52 11.59
C LEU B 216 -3.16 -21.04 11.36
N ALA B 217 -2.87 -20.67 10.11
CA ALA B 217 -2.61 -19.27 9.80
C ALA B 217 -3.91 -18.47 9.81
N LEU B 218 -5.00 -19.03 9.30
CA LEU B 218 -6.27 -18.32 9.28
C LEU B 218 -6.92 -18.23 10.65
N ALA B 219 -6.67 -19.20 11.53
CA ALA B 219 -7.24 -19.13 12.87
C ALA B 219 -6.53 -18.08 13.72
N LEU B 220 -5.27 -17.77 13.38
CA LEU B 220 -4.55 -16.76 14.15
C LEU B 220 -4.89 -15.35 13.71
N ILE B 221 -5.28 -15.16 12.45
CA ILE B 221 -5.67 -13.83 12.00
C ILE B 221 -7.05 -13.46 12.54
N ILE B 222 -7.95 -14.45 12.63
CA ILE B 222 -9.33 -14.17 12.99
C ILE B 222 -9.45 -13.92 14.50
N ILE B 223 -8.84 -14.77 15.32
CA ILE B 223 -9.03 -14.61 16.76
C ILE B 223 -8.14 -13.51 17.34
N MET B 224 -7.10 -13.09 16.61
CA MET B 224 -6.38 -11.88 17.02
C MET B 224 -7.05 -10.63 16.50
N GLY B 225 -7.97 -10.75 15.56
CA GLY B 225 -8.72 -9.59 15.12
C GLY B 225 -9.82 -9.22 16.08
N ILE B 226 -10.43 -10.22 16.72
CA ILE B 226 -11.52 -9.95 17.66
C ILE B 226 -10.98 -9.59 19.04
N VAL B 227 -9.70 -9.84 19.31
CA VAL B 227 -9.08 -9.32 20.51
C VAL B 227 -8.97 -7.81 20.44
N GLN B 228 -8.49 -7.28 19.32
CA GLN B 228 -8.38 -5.84 19.17
C GLN B 228 -9.72 -5.16 18.95
N ILE B 229 -10.75 -5.91 18.54
CA ILE B 229 -12.12 -5.37 18.59
C ILE B 229 -12.56 -5.22 20.04
N CYS B 230 -12.13 -6.13 20.91
CA CYS B 230 -12.35 -5.96 22.35
C CYS B 230 -11.24 -5.12 22.99
N LYS B 231 -10.98 -3.98 22.37
CA LYS B 231 -10.03 -2.95 22.75
C LYS B 231 -10.56 -1.64 22.16
N GLY B 232 -9.70 -0.64 22.05
CA GLY B 232 -10.07 0.57 21.36
C GLY B 232 -9.45 0.66 19.97
N GLU B 233 -9.08 -0.49 19.40
CA GLU B 233 -8.31 -0.55 18.17
C GLU B 233 -9.18 -0.66 16.92
N TYR B 234 -10.43 -0.18 16.99
CA TYR B 234 -11.35 -0.20 15.85
C TYR B 234 -11.42 1.17 15.17
N PHE B 235 -10.27 1.85 15.04
CA PHE B 235 -10.26 3.23 14.58
C PHE B 235 -10.63 3.35 13.10
N TRP B 236 -10.03 2.51 12.26
CA TRP B 236 -10.25 2.64 10.83
C TRP B 236 -11.52 1.91 10.37
N LEU B 237 -11.84 0.78 10.98
CA LEU B 237 -12.93 -0.05 10.47
C LEU B 237 -14.30 0.39 10.98
N GLU B 238 -14.53 0.28 12.28
CA GLU B 238 -15.85 0.43 12.88
C GLU B 238 -16.38 1.86 12.85
N PRO B 239 -15.50 2.87 12.78
CA PRO B 239 -15.96 4.25 13.02
C PRO B 239 -16.79 4.84 11.90
N LYS B 240 -16.70 4.28 10.68
CA LYS B 240 -17.46 4.66 9.49
C LYS B 240 -17.23 6.10 9.06
N ASN B 241 -16.11 6.72 9.48
CA ASN B 241 -15.76 8.05 9.05
C ASN B 241 -14.45 8.11 8.29
N ALA B 242 -13.61 7.08 8.41
CA ALA B 242 -12.39 6.96 7.61
C ALA B 242 -12.76 6.22 6.32
N PHE B 243 -13.43 6.95 5.43
CA PHE B 243 -13.85 6.41 4.15
C PHE B 243 -13.52 7.38 3.01
N GLU B 244 -12.35 7.99 3.06
CA GLU B 244 -11.92 8.97 2.08
C GLU B 244 -10.50 8.67 1.64
N ASN B 245 -10.27 8.71 0.33
CA ASN B 245 -8.96 8.47 -0.26
C ASN B 245 -8.96 9.10 -1.65
N PHE B 246 -8.00 8.69 -2.48
CA PHE B 246 -7.89 9.17 -3.86
C PHE B 246 -9.12 8.83 -4.69
N GLN B 247 -9.84 9.87 -5.15
CA GLN B 247 -11.06 9.69 -5.93
C GLN B 247 -10.85 9.93 -7.42
N GLU B 248 -9.70 10.49 -7.81
CA GLU B 248 -9.34 10.57 -9.23
C GLU B 248 -9.18 9.21 -9.92
N PRO B 249 -8.88 8.09 -9.25
CA PRO B 249 -9.17 6.78 -9.84
C PRO B 249 -10.59 6.63 -10.36
N ASP B 250 -10.71 6.01 -11.53
CA ASP B 250 -11.94 5.98 -12.28
C ASP B 250 -12.88 4.91 -11.74
N ILE B 251 -13.98 4.68 -12.46
CA ILE B 251 -14.73 3.43 -12.32
C ILE B 251 -13.90 2.28 -12.88
N GLY B 252 -13.05 2.56 -13.87
CA GLY B 252 -12.15 1.59 -14.45
C GLY B 252 -11.08 1.04 -13.52
N LEU B 253 -10.81 1.71 -12.40
CA LEU B 253 -9.97 1.13 -11.36
C LEU B 253 -10.76 0.39 -10.31
N VAL B 254 -12.07 0.63 -10.20
CA VAL B 254 -12.92 -0.23 -9.40
C VAL B 254 -13.14 -1.56 -10.09
N ALA B 255 -13.15 -1.58 -11.43
CA ALA B 255 -13.29 -2.84 -12.16
C ALA B 255 -12.01 -3.67 -12.11
N LEU B 256 -10.87 -3.04 -11.83
CA LEU B 256 -9.64 -3.80 -11.66
C LEU B 256 -9.55 -4.45 -10.29
N ALA B 257 -10.27 -3.93 -9.30
CA ALA B 257 -10.32 -4.54 -7.98
C ALA B 257 -11.26 -5.73 -7.92
N PHE B 258 -12.18 -5.86 -8.87
CA PHE B 258 -12.99 -7.05 -8.97
C PHE B 258 -12.24 -8.20 -9.63
N LEU B 259 -11.24 -7.90 -10.47
CA LEU B 259 -10.39 -8.95 -11.02
C LEU B 259 -9.50 -9.55 -9.95
N GLN B 260 -9.04 -8.75 -8.99
CA GLN B 260 -8.11 -9.22 -7.98
C GLN B 260 -8.79 -9.79 -6.75
N GLY B 261 -10.06 -9.43 -6.51
CA GLY B 261 -10.82 -10.12 -5.50
C GLY B 261 -11.29 -11.49 -5.92
N SER B 262 -11.47 -11.72 -7.21
CA SER B 262 -11.91 -12.99 -7.75
C SER B 262 -10.80 -14.01 -7.88
N PHE B 263 -9.53 -13.59 -7.71
CA PHE B 263 -8.44 -14.55 -7.64
C PHE B 263 -8.52 -15.37 -6.37
N ALA B 264 -9.01 -14.78 -5.28
CA ALA B 264 -9.15 -15.50 -4.03
C ALA B 264 -10.35 -16.45 -4.06
N TYR B 265 -11.28 -16.25 -4.97
CA TYR B 265 -12.46 -17.10 -5.09
C TYR B 265 -12.32 -18.16 -6.17
N GLY B 266 -11.13 -18.33 -6.74
CA GLY B 266 -10.95 -19.29 -7.80
C GLY B 266 -11.04 -20.72 -7.31
N GLY B 267 -11.46 -21.59 -8.22
CA GLY B 267 -11.68 -22.98 -7.89
C GLY B 267 -13.13 -23.37 -7.68
N TRP B 268 -14.07 -22.58 -8.17
CA TRP B 268 -15.48 -22.91 -8.07
C TRP B 268 -16.03 -23.53 -9.34
N ASN B 269 -15.35 -23.33 -10.48
CA ASN B 269 -15.87 -23.80 -11.76
C ASN B 269 -15.58 -25.28 -11.99
N PHE B 270 -14.36 -25.74 -11.70
CA PHE B 270 -14.03 -27.16 -11.86
C PHE B 270 -14.29 -27.96 -10.59
N LEU B 271 -15.23 -27.54 -9.75
CA LEU B 271 -15.34 -28.13 -8.44
C LEU B 271 -16.61 -28.94 -8.25
N ASN B 272 -17.77 -28.34 -8.44
CA ASN B 272 -18.99 -28.96 -7.95
C ASN B 272 -19.55 -30.03 -8.88
N TYR B 273 -18.83 -30.40 -9.94
CA TYR B 273 -19.24 -31.52 -10.76
C TYR B 273 -18.53 -32.82 -10.39
N VAL B 274 -17.72 -32.77 -9.34
CA VAL B 274 -16.97 -33.92 -8.87
C VAL B 274 -17.62 -34.43 -7.60
N THR B 275 -18.32 -33.54 -6.91
CA THR B 275 -19.00 -33.88 -5.68
C THR B 275 -20.16 -34.82 -6.01
N GLU B 276 -19.93 -35.73 -6.94
CA GLU B 276 -20.95 -36.69 -7.36
C GLU B 276 -21.29 -37.64 -6.24
N GLU B 277 -20.26 -38.07 -5.50
CA GLU B 277 -20.47 -38.98 -4.39
C GLU B 277 -21.61 -38.48 -3.51
N LEU B 278 -21.90 -37.19 -3.62
CA LEU B 278 -22.98 -36.59 -2.83
C LEU B 278 -24.22 -37.45 -2.90
N VAL B 279 -24.98 -37.48 -1.82
CA VAL B 279 -26.20 -38.26 -1.75
C VAL B 279 -27.22 -37.71 -2.74
N ASP B 280 -28.50 -37.90 -2.44
CA ASP B 280 -29.57 -37.42 -3.30
C ASP B 280 -29.34 -35.99 -3.78
N PRO B 281 -28.72 -35.85 -5.01
CA PRO B 281 -28.51 -34.45 -5.43
C PRO B 281 -29.85 -33.84 -5.84
N TYR B 282 -29.86 -33.09 -6.94
CA TYR B 282 -31.08 -32.46 -7.41
C TYR B 282 -31.84 -31.80 -6.28
N LYS B 283 -31.15 -31.53 -5.18
CA LYS B 283 -31.77 -30.91 -4.02
C LYS B 283 -30.72 -30.68 -2.94
N ASN B 284 -29.63 -31.43 -3.02
CA ASN B 284 -28.56 -31.30 -2.05
C ASN B 284 -27.33 -30.64 -2.65
N LEU B 285 -27.36 -30.40 -3.95
CA LEU B 285 -26.24 -29.75 -4.63
C LEU B 285 -26.51 -28.26 -4.73
N PRO B 286 -27.85 -27.91 -4.87
CA PRO B 286 -28.08 -26.46 -4.95
C PRO B 286 -28.14 -25.87 -3.54
N ARG B 287 -28.34 -26.74 -2.56
CA ARG B 287 -28.40 -26.32 -1.17
C ARG B 287 -27.01 -26.13 -0.61
N ALA B 288 -26.04 -26.85 -1.17
CA ALA B 288 -24.66 -26.75 -0.72
C ALA B 288 -23.98 -25.50 -1.24
N ILE B 289 -24.47 -24.94 -2.34
CA ILE B 289 -23.93 -23.67 -2.84
C ILE B 289 -24.35 -22.53 -1.92
N PHE B 290 -25.57 -22.59 -1.39
CA PHE B 290 -26.11 -21.53 -0.54
C PHE B 290 -25.52 -21.51 0.86
N ILE B 291 -24.75 -22.54 1.23
CA ILE B 291 -24.11 -22.60 2.54
C ILE B 291 -22.61 -22.34 2.46
N SER B 292 -21.90 -23.10 1.62
CA SER B 292 -20.45 -23.15 1.71
C SER B 292 -19.77 -21.91 1.14
N ILE B 293 -20.37 -21.27 0.13
CA ILE B 293 -19.74 -20.11 -0.49
C ILE B 293 -19.96 -18.81 0.32
N PRO B 294 -21.14 -18.51 0.89
CA PRO B 294 -21.20 -17.33 1.79
C PRO B 294 -20.47 -17.50 3.12
N LEU B 295 -20.01 -18.70 3.47
CA LEU B 295 -19.11 -18.83 4.60
C LEU B 295 -17.67 -18.51 4.24
N VAL B 296 -17.27 -18.72 2.99
CA VAL B 296 -15.97 -18.26 2.53
C VAL B 296 -15.95 -16.74 2.48
N THR B 297 -17.08 -16.12 2.13
CA THR B 297 -17.19 -14.66 2.10
C THR B 297 -17.14 -14.08 3.51
N PHE B 298 -17.68 -14.81 4.50
CA PHE B 298 -17.62 -14.32 5.88
C PHE B 298 -16.20 -14.39 6.42
N VAL B 299 -15.43 -15.41 6.04
CA VAL B 299 -14.05 -15.51 6.47
C VAL B 299 -13.20 -14.46 5.78
N TYR B 300 -13.49 -14.16 4.51
CA TYR B 300 -12.70 -13.19 3.77
C TYR B 300 -12.99 -11.76 4.20
N VAL B 301 -14.17 -11.50 4.75
CA VAL B 301 -14.47 -10.18 5.29
C VAL B 301 -13.87 -10.04 6.69
N PHE B 302 -14.01 -11.07 7.54
CA PHE B 302 -13.51 -11.01 8.90
C PHE B 302 -11.98 -11.00 8.95
N ALA B 303 -11.31 -11.54 7.93
CA ALA B 303 -9.87 -11.46 7.86
C ALA B 303 -9.38 -10.15 7.26
N ASN B 304 -10.25 -9.41 6.56
CA ASN B 304 -9.87 -8.13 6.01
C ASN B 304 -10.10 -6.98 6.98
N VAL B 305 -11.09 -7.09 7.86
CA VAL B 305 -11.25 -6.10 8.91
C VAL B 305 -10.19 -6.28 9.99
N ALA B 306 -9.64 -7.49 10.10
CA ALA B 306 -8.58 -7.75 11.06
C ALA B 306 -7.23 -7.25 10.57
N TYR B 307 -7.09 -6.98 9.28
CA TYR B 307 -5.83 -6.45 8.77
C TYR B 307 -5.66 -4.98 9.09
N VAL B 308 -6.76 -4.22 9.12
CA VAL B 308 -6.69 -2.78 9.32
C VAL B 308 -6.76 -2.38 10.79
N THR B 309 -7.07 -3.32 11.69
CA THR B 309 -6.92 -3.04 13.10
C THR B 309 -5.48 -3.17 13.58
N ALA B 310 -4.62 -3.84 12.82
CA ALA B 310 -3.24 -4.03 13.21
C ALA B 310 -2.28 -3.06 12.52
N MET B 311 -2.73 -2.37 11.48
CA MET B 311 -1.89 -1.42 10.77
C MET B 311 -2.76 -0.39 10.07
N SER B 312 -2.10 0.66 9.57
CA SER B 312 -2.78 1.67 8.80
C SER B 312 -2.83 1.27 7.33
N PRO B 313 -3.78 1.80 6.56
CA PRO B 313 -3.83 1.46 5.12
C PRO B 313 -2.64 1.94 4.31
N GLN B 314 -1.89 2.94 4.78
CA GLN B 314 -0.65 3.30 4.10
C GLN B 314 0.47 2.34 4.49
N GLU B 315 0.33 1.67 5.64
CA GLU B 315 1.31 0.67 6.05
C GLU B 315 1.06 -0.66 5.34
N LEU B 316 -0.19 -0.95 4.97
CA LEU B 316 -0.50 -2.20 4.29
C LEU B 316 -0.02 -2.17 2.85
N LEU B 317 -0.14 -1.02 2.17
CA LEU B 317 0.30 -0.90 0.79
C LEU B 317 1.83 -0.83 0.66
N ALA B 318 2.55 -0.60 1.75
CA ALA B 318 4.00 -0.61 1.71
C ALA B 318 4.58 -2.00 1.91
N SER B 319 3.79 -2.93 2.45
CA SER B 319 4.27 -4.27 2.73
C SER B 319 4.21 -5.14 1.47
N ASN B 320 5.13 -6.11 1.42
CA ASN B 320 5.10 -7.10 0.35
C ASN B 320 4.41 -8.39 0.79
N ALA B 321 4.27 -8.61 2.10
CA ALA B 321 3.60 -9.77 2.65
C ALA B 321 2.77 -9.29 3.84
N VAL B 322 1.45 -9.27 3.69
CA VAL B 322 0.58 -8.62 4.65
C VAL B 322 0.41 -9.44 5.93
N ALA B 323 0.45 -10.77 5.82
CA ALA B 323 0.18 -11.61 6.98
C ALA B 323 1.35 -11.64 7.95
N VAL B 324 2.54 -11.22 7.54
CA VAL B 324 3.68 -11.17 8.45
C VAL B 324 3.97 -9.76 8.96
N THR B 325 3.51 -8.72 8.28
CA THR B 325 3.43 -7.41 8.89
C THR B 325 2.36 -7.39 9.96
N PHE B 326 1.32 -8.20 9.78
CA PHE B 326 0.37 -8.49 10.84
C PHE B 326 1.05 -9.18 12.02
N GLY B 327 2.01 -10.06 11.73
CA GLY B 327 2.64 -10.83 12.78
C GLY B 327 3.78 -10.12 13.49
N GLU B 328 4.36 -9.11 12.84
CA GLU B 328 5.34 -8.27 13.53
C GLU B 328 4.67 -7.39 14.59
N LYS B 329 3.39 -7.10 14.43
CA LYS B 329 2.56 -6.56 15.49
C LYS B 329 1.93 -7.72 16.27
N LEU B 330 1.23 -7.36 17.35
CA LEU B 330 0.19 -8.15 18.01
C LEU B 330 0.69 -9.36 18.80
N LEU B 331 1.98 -9.71 18.68
CA LEU B 331 2.72 -10.55 19.61
C LEU B 331 4.21 -10.47 19.26
N GLY B 332 5.01 -11.20 20.01
CA GLY B 332 6.44 -11.26 19.76
C GLY B 332 6.91 -12.67 19.43
N VAL B 333 5.99 -13.62 19.45
CA VAL B 333 6.30 -14.98 19.01
C VAL B 333 5.85 -15.21 17.57
N MET B 334 4.86 -14.45 17.09
CA MET B 334 4.37 -14.66 15.73
C MET B 334 5.17 -13.89 14.68
N ALA B 335 6.35 -13.39 15.03
CA ALA B 335 7.33 -13.05 14.01
C ALA B 335 8.00 -14.29 13.42
N TRP B 336 7.75 -15.46 14.02
CA TRP B 336 8.25 -16.74 13.55
C TRP B 336 7.15 -17.62 12.96
N ILE B 337 5.95 -17.61 13.55
CA ILE B 337 4.90 -18.54 13.18
C ILE B 337 4.10 -18.09 11.96
N MET B 338 4.16 -16.82 11.58
CA MET B 338 3.45 -16.35 10.40
C MET B 338 4.14 -16.67 9.08
N PRO B 339 5.47 -16.50 8.90
CA PRO B 339 6.04 -16.93 7.60
C PRO B 339 6.10 -18.45 7.44
N ILE B 340 5.99 -19.21 8.52
CA ILE B 340 6.04 -20.66 8.42
C ILE B 340 4.71 -21.20 7.90
N SER B 341 3.60 -20.77 8.48
CA SER B 341 2.27 -21.28 8.15
C SER B 341 1.76 -20.81 6.78
N VAL B 342 2.15 -19.63 6.32
CA VAL B 342 1.74 -19.16 5.01
C VAL B 342 2.58 -19.77 3.89
N ALA B 343 3.88 -20.01 4.12
CA ALA B 343 4.68 -20.74 3.15
C ALA B 343 4.22 -22.19 3.02
N LEU B 344 3.72 -22.78 4.11
CA LEU B 344 3.10 -24.10 4.02
C LEU B 344 1.78 -24.04 3.26
N SER B 345 1.05 -22.93 3.34
CA SER B 345 -0.18 -22.76 2.60
C SER B 345 0.05 -22.67 1.10
N THR B 346 1.14 -22.02 0.69
CA THR B 346 1.42 -21.87 -0.73
C THR B 346 2.04 -23.11 -1.34
N PHE B 347 2.59 -24.02 -0.53
CA PHE B 347 3.03 -25.30 -1.06
C PHE B 347 1.84 -26.17 -1.45
N GLY B 348 0.73 -26.06 -0.72
CA GLY B 348 -0.45 -26.83 -1.07
C GLY B 348 -1.27 -26.21 -2.17
N GLY B 349 -1.06 -24.92 -2.45
CA GLY B 349 -1.71 -24.30 -3.58
C GLY B 349 -1.09 -24.69 -4.91
N VAL B 350 0.22 -24.94 -4.92
CA VAL B 350 0.91 -25.38 -6.12
C VAL B 350 0.78 -26.89 -6.31
N ASN B 351 0.86 -27.64 -5.21
CA ASN B 351 0.71 -29.09 -5.29
C ASN B 351 -0.72 -29.47 -5.64
N GLY B 352 -1.70 -28.74 -5.12
CA GLY B 352 -3.08 -28.96 -5.48
C GLY B 352 -3.44 -28.53 -6.89
N SER B 353 -2.66 -27.63 -7.47
CA SER B 353 -2.88 -27.19 -8.85
C SER B 353 -2.19 -28.09 -9.86
N LEU B 354 -1.32 -29.00 -9.41
CA LEU B 354 -0.68 -29.97 -10.30
C LEU B 354 -1.43 -31.29 -10.38
N PHE B 355 -2.35 -31.56 -9.44
CA PHE B 355 -3.28 -32.67 -9.64
C PHE B 355 -4.23 -32.38 -10.79
N THR B 356 -5.00 -31.30 -10.66
CA THR B 356 -6.11 -31.02 -11.56
C THR B 356 -5.67 -30.50 -12.92
N SER B 357 -4.39 -30.18 -13.11
CA SER B 357 -3.95 -29.70 -14.41
C SER B 357 -3.91 -30.83 -15.42
N SER B 358 -3.72 -32.06 -14.98
CA SER B 358 -3.61 -33.19 -15.88
C SER B 358 -4.95 -33.82 -16.22
N ARG B 359 -6.01 -33.48 -15.50
CA ARG B 359 -7.34 -34.00 -15.84
C ARG B 359 -7.86 -33.43 -17.15
N LEU B 360 -7.38 -32.24 -17.55
CA LEU B 360 -7.84 -31.63 -18.78
C LEU B 360 -7.00 -32.05 -19.97
N PHE B 361 -5.76 -32.52 -19.74
CA PHE B 361 -5.02 -33.20 -20.79
C PHE B 361 -5.63 -34.56 -21.11
N PHE B 362 -6.26 -35.20 -20.13
CA PHE B 362 -6.95 -36.47 -20.38
C PHE B 362 -8.16 -36.28 -21.27
N ALA B 363 -9.01 -35.31 -20.94
CA ALA B 363 -10.25 -35.08 -21.68
C ALA B 363 -10.01 -34.50 -23.06
N GLY B 364 -8.92 -33.75 -23.24
CA GLY B 364 -8.65 -33.20 -24.56
C GLY B 364 -8.11 -34.19 -25.55
N ALA B 365 -7.36 -35.20 -25.07
CA ALA B 365 -6.71 -36.14 -25.97
C ALA B 365 -7.67 -37.21 -26.47
N ARG B 366 -8.74 -37.51 -25.73
CA ARG B 366 -9.74 -38.46 -26.18
C ARG B 366 -10.82 -37.83 -27.05
N GLU B 367 -10.57 -36.61 -27.55
CA GLU B 367 -11.56 -35.87 -28.31
C GLU B 367 -11.04 -35.49 -29.70
N GLY B 368 -9.75 -35.68 -29.95
CA GLY B 368 -9.19 -35.33 -31.24
C GLY B 368 -8.16 -34.22 -31.12
N HIS B 369 -8.35 -33.34 -30.15
CA HIS B 369 -7.39 -32.29 -29.87
C HIS B 369 -6.23 -32.88 -29.07
N LEU B 370 -5.19 -32.06 -28.82
CA LEU B 370 -4.17 -32.29 -27.80
C LEU B 370 -3.46 -33.65 -27.90
N PRO B 371 -2.44 -33.77 -28.78
CA PRO B 371 -2.00 -35.08 -29.30
C PRO B 371 -1.60 -36.10 -28.24
N SER B 372 -1.60 -37.37 -28.66
CA SER B 372 -1.67 -38.50 -27.75
C SER B 372 -0.38 -38.79 -27.00
N VAL B 373 0.69 -38.03 -27.20
CA VAL B 373 1.86 -38.20 -26.33
C VAL B 373 1.55 -37.65 -24.95
N LEU B 374 0.67 -36.65 -24.86
CA LEU B 374 0.05 -36.28 -23.60
C LEU B 374 -1.05 -37.28 -23.26
N ALA B 375 -1.58 -37.17 -22.04
CA ALA B 375 -2.57 -38.09 -21.47
C ALA B 375 -2.09 -39.55 -21.47
N MET B 376 -0.80 -39.74 -21.26
CA MET B 376 -0.21 -41.05 -21.07
C MET B 376 0.22 -41.19 -19.61
N ILE B 377 0.14 -42.40 -19.07
CA ILE B 377 0.45 -42.65 -17.66
C ILE B 377 1.55 -43.70 -17.58
N HIS B 378 2.36 -43.63 -16.51
CA HIS B 378 3.47 -44.55 -16.33
C HIS B 378 2.95 -45.93 -15.93
N VAL B 379 3.72 -46.96 -16.27
CA VAL B 379 3.21 -48.33 -16.16
C VAL B 379 3.12 -48.83 -14.72
N LYS B 380 4.01 -48.38 -13.83
CA LYS B 380 3.98 -48.88 -12.46
C LYS B 380 3.22 -47.95 -11.52
N ARG B 381 3.53 -46.66 -11.56
CA ARG B 381 2.82 -45.64 -10.81
C ARG B 381 1.98 -44.83 -11.79
N CYS B 382 0.67 -44.78 -11.56
CA CYS B 382 -0.25 -44.20 -12.54
C CYS B 382 -0.20 -42.67 -12.51
N THR B 383 0.94 -42.12 -12.93
CA THR B 383 1.23 -40.70 -12.90
C THR B 383 1.55 -40.20 -14.30
N PRO B 384 0.92 -39.13 -14.77
CA PRO B 384 1.23 -38.59 -16.10
C PRO B 384 2.49 -37.72 -16.07
N ILE B 385 3.59 -38.26 -16.57
CA ILE B 385 4.84 -37.50 -16.65
C ILE B 385 4.79 -36.45 -17.78
N PRO B 386 4.45 -36.75 -19.05
CA PRO B 386 4.51 -35.68 -20.06
C PRO B 386 3.41 -34.62 -19.94
N ALA B 387 2.36 -34.86 -19.14
CA ALA B 387 1.40 -33.80 -18.86
C ALA B 387 1.84 -32.93 -17.69
N LEU B 388 2.69 -33.48 -16.81
CA LEU B 388 3.25 -32.70 -15.71
C LEU B 388 4.52 -31.96 -16.12
N LEU B 389 5.29 -32.50 -17.07
CA LEU B 389 6.43 -31.79 -17.61
C LEU B 389 6.03 -30.63 -18.50
N PHE B 390 4.83 -30.66 -19.08
CA PHE B 390 4.36 -29.59 -19.93
C PHE B 390 3.88 -28.38 -19.16
N THR B 391 3.16 -28.59 -18.06
CA THR B 391 2.65 -27.50 -17.23
C THR B 391 3.71 -26.92 -16.31
N CYS B 392 4.89 -27.54 -16.24
CA CYS B 392 6.01 -27.03 -15.45
C CYS B 392 6.95 -26.15 -16.26
N ILE B 393 7.16 -26.46 -17.54
CA ILE B 393 7.98 -25.62 -18.40
C ILE B 393 7.31 -24.28 -18.65
N SER B 394 6.01 -24.29 -18.93
CA SER B 394 5.27 -23.07 -19.19
C SER B 394 5.06 -22.21 -17.94
N THR B 395 5.17 -22.80 -16.75
CA THR B 395 5.16 -22.00 -15.53
C THR B 395 6.48 -21.27 -15.32
N LEU B 396 7.60 -21.90 -15.70
CA LEU B 396 8.90 -21.24 -15.59
C LEU B 396 9.05 -20.09 -16.58
N LEU B 397 8.29 -20.10 -17.68
CA LEU B 397 8.36 -19.01 -18.64
C LEU B 397 7.59 -17.79 -18.16
N MET B 398 6.47 -18.01 -17.48
CA MET B 398 5.64 -16.92 -16.97
C MET B 398 6.13 -16.46 -15.60
N LEU B 399 7.36 -16.85 -15.25
CA LEU B 399 7.94 -16.49 -13.96
C LEU B 399 9.06 -15.46 -14.14
N VAL B 400 10.20 -15.92 -14.67
CA VAL B 400 11.34 -15.06 -14.90
C VAL B 400 10.99 -13.91 -15.83
N THR B 401 9.83 -13.30 -15.61
CA THR B 401 9.38 -12.19 -16.44
C THR B 401 8.44 -11.27 -15.66
N SER B 402 7.20 -11.15 -16.15
CA SER B 402 6.20 -10.31 -15.51
C SER B 402 6.45 -9.97 -14.04
N ASP B 403 5.59 -9.09 -13.52
CA ASP B 403 5.66 -8.62 -12.15
C ASP B 403 5.12 -9.63 -11.14
N MET B 404 3.86 -9.45 -10.75
CA MET B 404 3.22 -10.35 -9.79
C MET B 404 1.77 -9.92 -9.55
N TYR B 405 1.51 -8.63 -9.70
CA TYR B 405 0.17 -8.09 -9.52
C TYR B 405 -0.42 -7.88 -10.90
N THR B 406 0.46 -7.75 -11.87
CA THR B 406 0.08 -7.58 -13.26
C THR B 406 -0.38 -8.94 -13.74
N LEU B 407 0.27 -9.99 -13.24
CA LEU B 407 -0.07 -11.39 -13.61
C LEU B 407 -1.47 -11.76 -13.12
N ILE B 408 -1.80 -11.29 -11.93
CA ILE B 408 -3.11 -11.56 -11.38
C ILE B 408 -4.10 -10.92 -12.32
N ASN B 409 -3.84 -9.67 -12.70
CA ASN B 409 -4.77 -9.00 -13.61
C ASN B 409 -4.92 -9.79 -14.91
N TYR B 410 -3.78 -10.22 -15.44
CA TYR B 410 -3.68 -11.00 -16.66
C TYR B 410 -4.54 -12.25 -16.64
N VAL B 411 -4.53 -12.97 -15.53
CA VAL B 411 -5.30 -14.21 -15.45
C VAL B 411 -6.77 -13.96 -15.12
N GLY B 412 -7.06 -12.87 -14.42
CA GLY B 412 -8.42 -12.57 -14.04
C GLY B 412 -9.34 -12.10 -15.14
N PHE B 413 -8.75 -11.58 -16.20
CA PHE B 413 -9.53 -11.08 -17.33
C PHE B 413 -9.93 -12.20 -18.26
N ILE B 414 -9.01 -13.12 -18.50
CA ILE B 414 -9.24 -14.25 -19.39
C ILE B 414 -10.01 -15.37 -18.68
N ASN B 415 -10.08 -15.36 -17.34
CA ASN B 415 -11.05 -16.20 -16.65
C ASN B 415 -12.48 -15.76 -16.92
N TYR B 416 -12.76 -14.47 -16.77
CA TYR B 416 -14.12 -13.98 -16.89
C TYR B 416 -14.63 -14.00 -18.33
N LEU B 417 -13.72 -14.00 -19.31
CA LEU B 417 -14.14 -14.08 -20.70
C LEU B 417 -14.77 -15.42 -21.03
N PHE B 418 -14.33 -16.48 -20.35
CA PHE B 418 -14.91 -17.81 -20.54
C PHE B 418 -15.89 -18.19 -19.43
N TYR B 419 -15.97 -17.40 -18.36
CA TYR B 419 -17.06 -17.56 -17.41
C TYR B 419 -18.37 -17.09 -18.03
N GLY B 420 -18.32 -16.18 -18.98
CA GLY B 420 -19.49 -15.64 -19.61
C GLY B 420 -19.97 -16.43 -20.81
N VAL B 421 -19.04 -17.11 -21.49
CA VAL B 421 -19.40 -17.98 -22.61
C VAL B 421 -20.24 -19.16 -22.19
N THR B 422 -19.92 -19.83 -21.08
CA THR B 422 -20.70 -20.96 -20.62
C THR B 422 -22.00 -20.54 -19.95
N VAL B 423 -22.06 -19.33 -19.38
CA VAL B 423 -23.30 -18.86 -18.79
C VAL B 423 -24.25 -18.37 -19.87
N ALA B 424 -23.74 -17.70 -20.91
CA ALA B 424 -24.56 -17.40 -22.08
C ALA B 424 -24.93 -18.67 -22.84
N GLY B 425 -24.05 -19.68 -22.80
CA GLY B 425 -24.39 -20.98 -23.38
C GLY B 425 -25.48 -21.71 -22.62
N GLN B 426 -25.69 -21.37 -21.36
CA GLN B 426 -26.80 -21.92 -20.59
C GLN B 426 -28.12 -21.27 -20.94
N ILE B 427 -28.10 -20.03 -21.41
CA ILE B 427 -29.31 -19.33 -21.85
C ILE B 427 -29.77 -19.82 -23.21
N VAL B 428 -28.83 -20.03 -24.14
CA VAL B 428 -29.19 -20.51 -25.47
C VAL B 428 -29.55 -21.98 -25.48
N LEU B 429 -29.28 -22.71 -24.40
CA LEU B 429 -29.77 -24.07 -24.26
C LEU B 429 -31.19 -24.13 -23.74
N ARG B 430 -31.79 -22.98 -23.43
CA ARG B 430 -33.22 -22.90 -23.16
C ARG B 430 -34.01 -22.39 -24.34
N TRP B 431 -33.42 -21.54 -25.19
CA TRP B 431 -34.09 -21.13 -26.41
C TRP B 431 -34.02 -22.23 -27.46
N LYS B 432 -32.81 -22.57 -27.89
CA LYS B 432 -32.59 -23.78 -28.65
C LYS B 432 -32.69 -24.97 -27.71
N LYS B 433 -33.33 -26.04 -28.19
CA LYS B 433 -33.52 -27.31 -27.51
C LYS B 433 -34.21 -27.19 -26.16
N PRO B 434 -35.52 -26.89 -26.11
CA PRO B 434 -36.27 -27.12 -24.87
C PRO B 434 -36.73 -28.56 -24.78
N ASP B 435 -37.59 -28.86 -23.80
CA ASP B 435 -38.25 -30.17 -23.61
C ASP B 435 -37.24 -31.28 -23.30
N ILE B 436 -36.08 -30.93 -22.77
CA ILE B 436 -35.11 -31.91 -22.30
C ILE B 436 -35.21 -31.96 -20.78
N PRO B 437 -34.95 -33.10 -20.13
CA PRO B 437 -35.13 -33.19 -18.68
C PRO B 437 -34.12 -32.38 -17.88
N ARG B 438 -34.61 -31.37 -17.16
CA ARG B 438 -33.79 -30.55 -16.28
C ARG B 438 -34.24 -30.78 -14.84
N PRO B 439 -33.47 -31.51 -14.02
CA PRO B 439 -33.86 -31.68 -12.62
C PRO B 439 -33.66 -30.42 -11.79
N ILE B 440 -32.59 -29.68 -12.04
CA ILE B 440 -32.37 -28.38 -11.42
C ILE B 440 -32.75 -27.31 -12.43
N LYS B 441 -33.64 -26.42 -12.01
CA LYS B 441 -34.02 -25.28 -12.83
C LYS B 441 -33.94 -24.02 -12.00
N ILE B 442 -33.04 -23.12 -12.41
CA ILE B 442 -32.94 -21.83 -11.76
C ILE B 442 -33.79 -20.86 -12.55
N ASN B 443 -34.10 -19.71 -11.96
CA ASN B 443 -34.90 -18.71 -12.65
C ASN B 443 -34.10 -18.08 -13.77
N LEU B 444 -34.79 -17.63 -14.82
CA LEU B 444 -34.09 -17.12 -16.00
C LEU B 444 -33.49 -15.76 -15.73
N LEU B 445 -33.97 -15.04 -14.73
CA LEU B 445 -33.43 -13.75 -14.33
C LEU B 445 -32.11 -13.87 -13.56
N PHE B 446 -31.67 -15.09 -13.27
CA PHE B 446 -30.45 -15.35 -12.52
C PHE B 446 -29.17 -15.30 -13.38
N PRO B 447 -29.09 -15.86 -14.60
CA PRO B 447 -27.87 -15.62 -15.40
C PRO B 447 -27.84 -14.29 -16.14
N ILE B 448 -28.92 -13.50 -16.13
CA ILE B 448 -28.87 -12.17 -16.73
C ILE B 448 -28.14 -11.18 -15.83
N ILE B 449 -28.29 -11.32 -14.51
CA ILE B 449 -27.54 -10.50 -13.56
C ILE B 449 -26.05 -10.79 -13.67
N TYR B 450 -25.68 -12.04 -13.96
CA TYR B 450 -24.28 -12.37 -14.20
C TYR B 450 -23.78 -11.76 -15.50
N LEU B 451 -24.60 -11.79 -16.55
CA LEU B 451 -24.15 -11.30 -17.84
C LEU B 451 -24.13 -9.78 -17.91
N LEU B 452 -24.90 -9.10 -17.05
CA LEU B 452 -24.80 -7.66 -16.96
C LEU B 452 -23.54 -7.24 -16.24
N PHE B 453 -23.18 -7.95 -15.17
CA PHE B 453 -21.92 -7.69 -14.47
C PHE B 453 -20.72 -8.13 -15.29
N TRP B 454 -20.91 -9.09 -16.19
CA TRP B 454 -19.84 -9.54 -17.07
C TRP B 454 -19.49 -8.49 -18.13
N ALA B 455 -20.51 -7.85 -18.71
CA ALA B 455 -20.27 -6.88 -19.77
C ALA B 455 -19.70 -5.57 -19.22
N PHE B 456 -20.08 -5.21 -17.99
CA PHE B 456 -19.56 -4.00 -17.37
C PHE B 456 -18.16 -4.16 -16.79
N LEU B 457 -17.59 -5.35 -16.87
CA LEU B 457 -16.28 -5.62 -16.32
C LEU B 457 -15.23 -5.90 -17.38
N LEU B 458 -15.63 -6.37 -18.56
CA LEU B 458 -14.67 -6.59 -19.64
C LEU B 458 -14.43 -5.32 -20.43
N VAL B 459 -15.44 -4.44 -20.51
CA VAL B 459 -15.25 -3.19 -21.25
C VAL B 459 -14.52 -2.15 -20.41
N PHE B 460 -14.51 -2.29 -19.09
CA PHE B 460 -13.80 -1.35 -18.23
C PHE B 460 -12.41 -1.85 -17.87
N SER B 461 -12.10 -3.12 -18.14
CA SER B 461 -10.76 -3.62 -17.91
C SER B 461 -9.86 -3.41 -19.12
N LEU B 462 -10.43 -3.44 -20.33
CA LEU B 462 -9.67 -3.09 -21.52
C LEU B 462 -9.36 -1.59 -21.56
N TRP B 463 -10.26 -0.77 -21.01
CA TRP B 463 -10.02 0.66 -20.94
C TRP B 463 -8.95 1.02 -19.91
N SER B 464 -8.84 0.24 -18.83
CA SER B 464 -7.87 0.53 -17.78
C SER B 464 -6.48 0.03 -18.16
N GLU B 465 -6.35 -1.26 -18.42
CA GLU B 465 -5.06 -1.88 -18.77
C GLU B 465 -5.19 -2.47 -20.17
N PRO B 466 -4.85 -1.72 -21.22
CA PRO B 466 -4.96 -2.26 -22.58
C PRO B 466 -3.84 -3.20 -22.97
N VAL B 467 -2.66 -3.07 -22.36
CA VAL B 467 -1.52 -3.87 -22.79
C VAL B 467 -1.50 -5.20 -22.05
N VAL B 468 -2.08 -5.27 -20.85
CA VAL B 468 -2.18 -6.54 -20.15
C VAL B 468 -3.37 -7.35 -20.66
N CYS B 469 -4.49 -6.69 -20.94
CA CYS B 469 -5.69 -7.36 -21.43
C CYS B 469 -5.65 -7.62 -22.92
N GLY B 470 -4.84 -6.88 -23.68
CA GLY B 470 -4.81 -7.05 -25.12
C GLY B 470 -3.89 -8.17 -25.58
N ILE B 471 -2.85 -8.47 -24.80
CA ILE B 471 -1.98 -9.59 -25.16
C ILE B 471 -2.59 -10.94 -24.76
N GLY B 472 -3.60 -10.93 -23.88
CA GLY B 472 -4.32 -12.17 -23.59
C GLY B 472 -5.26 -12.58 -24.69
N LEU B 473 -5.85 -11.62 -25.40
CA LEU B 473 -6.67 -11.90 -26.56
C LEU B 473 -5.84 -12.28 -27.78
N ALA B 474 -4.55 -11.94 -27.80
CA ALA B 474 -3.67 -12.36 -28.87
C ALA B 474 -3.33 -13.85 -28.81
N ILE B 475 -3.28 -14.43 -27.61
CA ILE B 475 -3.04 -15.86 -27.48
C ILE B 475 -4.27 -16.67 -27.86
N MET B 476 -5.48 -16.16 -27.59
CA MET B 476 -6.69 -16.86 -27.99
C MET B 476 -6.88 -16.83 -29.50
N LEU B 477 -6.56 -15.71 -30.14
CA LEU B 477 -6.65 -15.65 -31.59
C LEU B 477 -5.49 -16.35 -32.28
N THR B 478 -4.42 -16.68 -31.55
CA THR B 478 -3.40 -17.59 -32.04
C THR B 478 -3.91 -19.02 -32.10
N GLY B 479 -4.94 -19.35 -31.31
CA GLY B 479 -5.47 -20.69 -31.32
C GLY B 479 -6.32 -21.01 -32.53
N VAL B 480 -6.78 -19.97 -33.24
CA VAL B 480 -7.66 -20.15 -34.40
C VAL B 480 -6.92 -20.74 -35.60
N PRO B 481 -5.71 -20.24 -36.04
CA PRO B 481 -5.06 -20.92 -37.17
C PRO B 481 -4.50 -22.30 -36.82
N VAL B 482 -4.05 -22.50 -35.58
CA VAL B 482 -3.48 -23.79 -35.20
C VAL B 482 -4.58 -24.85 -35.02
N TYR B 483 -5.84 -24.43 -34.91
CA TYR B 483 -6.94 -25.40 -34.88
C TYR B 483 -7.16 -26.01 -36.26
N PHE B 484 -6.99 -25.23 -37.31
CA PHE B 484 -7.29 -25.69 -38.66
C PHE B 484 -6.18 -26.56 -39.24
N LEU B 485 -4.93 -26.28 -38.91
CA LEU B 485 -3.87 -27.23 -39.25
C LEU B 485 -3.82 -28.42 -38.31
N GLY B 486 -4.48 -28.34 -37.16
CA GLY B 486 -4.44 -29.41 -36.19
C GLY B 486 -5.56 -30.42 -36.29
N VAL B 487 -6.80 -29.94 -36.42
CA VAL B 487 -7.95 -30.83 -36.47
C VAL B 487 -8.60 -30.87 -37.84
N TYR B 488 -8.68 -29.75 -38.55
CA TYR B 488 -9.36 -29.64 -39.84
C TYR B 488 -8.42 -29.86 -41.01
N TRP B 489 -7.44 -30.75 -40.88
CA TRP B 489 -6.49 -31.02 -41.94
C TRP B 489 -6.77 -32.38 -42.57
N GLN B 490 -6.69 -32.43 -43.90
CA GLN B 490 -6.66 -33.70 -44.59
C GLN B 490 -5.31 -34.37 -44.33
N HIS B 491 -5.34 -35.68 -44.09
CA HIS B 491 -4.20 -36.38 -43.52
C HIS B 491 -3.20 -36.87 -44.56
N LYS B 492 -3.15 -36.24 -45.73
CA LYS B 492 -2.13 -36.48 -46.75
C LYS B 492 -0.66 -36.09 -46.45
N PRO B 493 -0.31 -35.07 -45.58
CA PRO B 493 1.12 -34.85 -45.34
C PRO B 493 1.79 -35.93 -44.52
N LYS B 494 2.20 -37.01 -45.18
CA LYS B 494 2.92 -38.08 -44.50
C LYS B 494 4.34 -37.64 -44.12
N CYS B 495 4.86 -36.59 -44.77
CA CYS B 495 6.17 -36.06 -44.43
C CYS B 495 6.19 -35.33 -43.09
N PHE B 496 5.03 -34.99 -42.54
CA PHE B 496 4.94 -34.36 -41.23
C PHE B 496 4.15 -35.17 -40.23
N SER B 497 3.30 -36.10 -40.69
CA SER B 497 2.54 -36.93 -39.76
C SER B 497 3.42 -38.00 -39.11
N ASP B 498 4.54 -38.34 -39.74
CA ASP B 498 5.50 -39.27 -39.14
C ASP B 498 6.44 -38.58 -38.17
N PHE B 499 6.47 -37.24 -38.15
CA PHE B 499 7.19 -36.54 -37.10
C PHE B 499 6.48 -36.66 -35.77
N ILE B 500 5.15 -36.77 -35.78
CA ILE B 500 4.41 -37.05 -34.56
C ILE B 500 4.69 -38.47 -34.10
N GLU B 501 4.83 -39.40 -35.05
CA GLU B 501 5.17 -40.78 -34.70
C GLU B 501 6.59 -40.89 -34.17
N LEU B 502 7.49 -40.01 -34.62
CA LEU B 502 8.86 -40.04 -34.12
C LEU B 502 8.97 -39.45 -32.72
N LEU B 503 8.23 -38.37 -32.44
CA LEU B 503 8.32 -37.73 -31.14
C LEU B 503 7.57 -38.52 -30.08
N THR B 504 6.50 -39.21 -30.46
CA THR B 504 5.74 -40.00 -29.49
C THR B 504 6.52 -41.23 -29.04
N LEU B 505 7.22 -41.90 -29.97
CA LEU B 505 7.96 -43.11 -29.63
C LEU B 505 9.21 -42.80 -28.81
N VAL B 506 9.84 -41.66 -29.06
CA VAL B 506 11.02 -41.28 -28.28
C VAL B 506 10.61 -40.89 -26.86
N SER B 507 9.51 -40.13 -26.73
CA SER B 507 8.99 -39.77 -25.42
C SER B 507 8.38 -40.96 -24.69
N GLN B 508 7.98 -42.02 -25.40
CA GLN B 508 7.49 -43.22 -24.76
C GLN B 508 8.61 -44.15 -24.33
N LYS B 509 9.87 -43.82 -24.63
CA LYS B 509 11.01 -44.62 -24.23
C LYS B 509 11.96 -43.88 -23.29
N MET B 510 11.97 -42.54 -23.33
CA MET B 510 12.77 -41.77 -22.39
C MET B 510 12.13 -41.77 -21.00
N CYS B 511 10.82 -41.96 -20.93
CA CYS B 511 10.13 -42.43 -19.73
C CYS B 511 9.36 -43.68 -20.14
N VAL B 512 8.75 -44.36 -19.17
CA VAL B 512 8.22 -45.69 -19.43
C VAL B 512 6.69 -45.51 -19.47
N VAL B 513 6.26 -44.38 -20.03
CA VAL B 513 4.87 -43.98 -20.02
C VAL B 513 4.10 -44.79 -21.06
N VAL B 514 2.76 -44.84 -20.92
CA VAL B 514 1.92 -45.61 -21.83
C VAL B 514 0.50 -45.04 -21.80
N TYR B 515 -0.26 -45.28 -22.87
CA TYR B 515 -1.64 -44.86 -22.93
C TYR B 515 -2.50 -45.71 -21.99
N PRO B 516 -3.53 -45.13 -21.37
CA PRO B 516 -4.40 -45.92 -20.48
C PRO B 516 -5.29 -46.90 -21.22
N GLU B 517 -6.08 -47.64 -20.44
CA GLU B 517 -6.80 -48.78 -20.98
C GLU B 517 -8.11 -48.37 -21.65
N VAL B 518 -8.71 -47.27 -21.20
CA VAL B 518 -9.90 -46.76 -21.88
C VAL B 518 -9.49 -46.07 -23.17
C1 NAG C . -7.72 38.06 -4.69
C2 NAG C . -6.32 38.55 -4.35
C3 NAG C . -6.17 40.04 -4.71
C4 NAG C . -6.56 40.28 -6.17
C5 NAG C . -7.97 39.71 -6.44
C6 NAG C . -8.37 39.78 -7.89
C7 NAG C . -4.97 37.62 -2.52
C8 NAG C . -4.81 37.51 -1.04
N2 NAG C . -6.01 38.34 -2.94
O3 NAG C . -4.83 40.45 -4.49
O4 NAG C . -6.56 41.67 -6.44
O5 NAG C . -8.01 38.33 -6.06
O6 NAG C . -9.71 39.35 -8.08
O7 NAG C . -4.21 37.07 -3.30
C1 NAG C . -5.50 42.00 -7.36
C2 NAG C . -5.89 43.24 -8.17
C3 NAG C . -4.78 43.63 -9.12
C4 NAG C . -3.45 43.79 -8.38
C5 NAG C . -3.15 42.53 -7.58
C6 NAG C . -1.91 42.67 -6.71
C7 NAG C . -8.34 43.36 -8.40
C8 NAG C . -9.51 43.07 -9.28
N2 NAG C . -7.14 43.03 -8.89
O3 NAG C . -5.11 44.86 -9.78
O4 NAG C . -2.39 44.02 -9.31
O5 NAG C . -4.24 42.23 -6.69
O6 NAG C . -2.24 42.60 -5.33
O7 NAG C . -8.47 43.85 -7.29
C1 NAG D . 18.91 16.52 36.09
C2 NAG D . 19.13 15.02 36.01
C3 NAG D . 20.30 14.64 36.91
C4 NAG D . 21.53 15.53 36.66
C5 NAG D . 21.18 17.02 36.44
C6 NAG D . 22.30 17.79 35.80
C7 NAG D . 17.29 13.47 35.56
C8 NAG D . 16.08 12.78 36.12
N2 NAG D . 17.93 14.28 36.40
O3 NAG D . 20.64 13.28 36.69
O4 NAG D . 22.43 15.41 37.76
O5 NAG D . 20.03 17.18 35.59
O6 NAG D . 21.98 18.16 34.47
O7 NAG D . 17.66 13.29 34.41
C1 NAG D . 21.89 15.85 39.05
C2 NAG D . 22.15 14.82 40.16
C3 NAG D . 21.62 15.34 41.50
C4 NAG D . 22.16 16.73 41.81
C5 NAG D . 21.86 17.68 40.65
C6 NAG D . 22.47 19.05 40.84
C7 NAG D . 22.21 12.35 39.95
C8 NAG D . 23.65 12.40 40.41
N2 NAG D . 21.57 13.53 39.85
O3 NAG D . 21.97 14.43 42.54
O4 NAG D . 21.55 17.24 42.99
O5 NAG D . 22.43 17.14 39.43
O6 NAG D . 22.69 19.70 39.60
O7 NAG D . 21.67 11.29 39.67
C1 NAG E . 15.17 41.19 21.01
C2 NAG E . 16.10 41.99 20.10
C3 NAG E . 16.77 43.11 20.90
C4 NAG E . 15.70 44.00 21.53
C5 NAG E . 14.74 43.17 22.39
C6 NAG E . 13.55 43.95 22.89
C7 NAG E . 17.36 41.19 18.16
C8 NAG E . 18.43 40.26 17.67
N2 NAG E . 17.10 41.15 19.47
O3 NAG E . 17.59 43.88 20.04
O4 NAG E . 16.30 45.07 22.25
O5 NAG E . 14.21 42.07 21.63
O6 NAG E . 13.50 45.25 22.33
O7 NAG E . 16.76 41.94 17.40
C1 NAG E . 17.06 44.72 23.43
C2 NAG E . 18.42 45.42 23.44
C3 NAG E . 19.17 45.13 24.74
C4 NAG E . 18.30 45.45 25.95
C5 NAG E . 16.95 44.74 25.85
C6 NAG E . 15.99 45.14 26.94
C7 NAG E . 19.89 45.91 21.52
C8 NAG E . 20.67 45.33 20.39
N2 NAG E . 19.23 45.04 22.29
O3 NAG E . 20.37 45.90 24.78
O4 NAG E . 18.94 45.04 27.14
O5 NAG E . 16.32 45.08 24.60
O6 NAG E . 14.71 45.46 26.42
O7 NAG E . 19.84 47.12 21.73
C1 NAG F . 31.73 22.73 8.04
C2 NAG F . 32.67 22.63 9.26
C3 NAG F . 33.72 21.53 9.04
C4 NAG F . 34.26 21.54 7.61
C5 NAG F . 33.12 21.43 6.59
C6 NAG F . 33.12 20.11 5.85
C7 NAG F . 33.81 24.25 10.71
C8 NAG F . 34.44 25.60 10.80
N2 NAG F . 33.32 23.90 9.52
O3 NAG F . 33.13 20.26 9.31
O4 NAG F . 34.95 22.77 7.37
O5 NAG F . 31.85 21.55 7.24
O6 NAG F . 31.83 19.80 5.36
O7 NAG F . 33.76 23.49 11.68
C1 NAG F . 36.36 22.63 7.58
C2 NAG F . 37.07 23.06 6.29
C3 NAG F . 38.59 23.02 6.49
C4 NAG F . 39.00 23.84 7.71
C5 NAG F . 38.22 23.37 8.94
C6 NAG F . 38.49 24.21 10.17
C7 NAG F . 35.70 22.54 4.33
C8 NAG F . 35.43 21.56 3.23
N2 NAG F . 36.69 22.22 5.17
O3 NAG F . 39.23 23.53 5.33
O4 NAG F . 40.39 23.69 7.95
O5 NAG F . 36.81 23.44 8.68
O6 NAG F . 39.09 25.45 9.83
O7 NAG F . 35.06 23.58 4.44
N LEU G . -8.88 -20.62 -4.97
CA LEU G . -7.68 -19.82 -5.32
C LEU G . -7.15 -19.10 -4.09
O LEU G . -7.80 -19.03 -3.05
CB LEU G . -8.01 -18.80 -6.41
CG LEU G . -7.04 -18.69 -7.59
CD1 LEU G . -6.31 -20.00 -7.82
CD2 LEU G . -7.75 -18.22 -8.84
OXT LEU G . -6.05 -18.57 -4.11
O13 3PH H . 11.88 -45.74 -15.11
P 3PH H . 11.75 -45.46 -13.64
O14 3PH H . 13.03 -45.03 -12.97
O12 3PH H . 10.96 -46.50 -12.88
O11 3PH H . 10.84 -44.15 -13.58
C1 3PH H . 11.12 -43.13 -12.62
C2 3PH H . 10.59 -41.78 -13.09
O21 3PH H . 11.56 -41.18 -13.94
C21 3PH H . 11.33 -41.51 -15.34
O22 3PH H . 10.93 -42.63 -15.63
C22 3PH H . 11.59 -40.48 -16.39
C23 3PH H . 13.07 -40.11 -16.35
C24 3PH H . 13.41 -39.14 -17.47
C25 3PH H . 12.42 -37.98 -17.51
C26 3PH H . 13.15 -36.66 -17.39
C27 3PH H . 13.97 -36.62 -16.11
C28 3PH H . 14.29 -35.18 -15.70
C29 3PH H . 14.81 -34.38 -16.90
C2A 3PH H . 15.32 -33.02 -16.45
C2B 3PH H . 16.80 -32.88 -16.75
C2C 3PH H . 17.28 -31.45 -16.50
C2D 3PH H . 18.24 -31.01 -17.59
C2E 3PH H . 17.63 -31.23 -18.97
C2F 3PH H . 17.90 -30.04 -19.90
C2G 3PH H . 16.73 -29.07 -19.90
C2H 3PH H . 17.22 -27.63 -19.70
C2I 3PH H . 17.17 -27.25 -18.24
C3 3PH H . 10.34 -40.89 -11.87
O31 3PH H . 11.07 -39.67 -11.95
C31 3PH H . 10.37 -38.42 -12.25
O32 3PH H . 9.38 -38.14 -11.62
C32 3PH H . 10.89 -37.49 -13.33
C33 3PH H . 11.68 -36.36 -12.70
C34 3PH H . 10.86 -35.09 -12.60
C35 3PH H . 11.52 -33.97 -13.41
C36 3PH H . 10.77 -32.66 -13.21
C37 3PH H . 11.50 -31.49 -13.87
C38 3PH H . 10.70 -30.98 -15.06
C39 3PH H . 11.03 -29.54 -15.37
C3A 3PH H . 11.43 -29.36 -16.83
C3B 3PH H . 12.96 -29.31 -16.96
C3C 3PH H . 13.44 -27.88 -17.18
C3D 3PH H . 14.12 -27.35 -15.92
C3E 3PH H . 14.79 -26.00 -16.20
C3F 3PH H . 15.00 -25.21 -14.91
C3G 3PH H . 16.24 -24.34 -15.02
C3H 3PH H . 17.46 -25.07 -14.49
C3I 3PH H . 18.60 -24.11 -14.21
O13 3PH I . -4.76 -37.31 -31.88
P 3PH I . -3.91 -37.17 -33.12
O14 3PH I . -2.64 -38.00 -33.10
O12 3PH I . -4.67 -37.20 -34.41
O11 3PH I . -3.34 -35.67 -33.04
C1 3PH I . -3.95 -34.65 -33.84
C2 3PH I . -3.14 -33.37 -33.73
O21 3PH I . -1.78 -33.69 -33.47
C21 3PH I . -0.89 -32.63 -33.93
O22 3PH I . -1.12 -32.13 -35.01
C22 3PH I . 0.27 -32.19 -33.10
C23 3PH I . 1.06 -31.08 -33.80
C24 3PH I . 0.15 -29.90 -34.15
C25 3PH I . 0.53 -29.29 -35.50
C26 3PH I . 0.11 -27.82 -35.57
C27 3PH I . 1.27 -26.89 -35.27
C28 3PH I . 1.72 -27.02 -33.82
C29 3PH I . 1.31 -25.80 -33.00
C2A 3PH I . 2.45 -25.31 -32.11
C2B 3PH I . 2.89 -23.91 -32.50
C2C 3PH I . 2.64 -22.92 -31.37
C2D 3PH I . 2.60 -21.48 -31.87
C2E 3PH I . 1.77 -21.36 -33.15
C2F 3PH I . 2.23 -20.17 -33.98
C2G 3PH I . 1.05 -19.49 -34.66
C2H 3PH I . 1.28 -19.33 -36.16
C2I 3PH I . 0.93 -20.61 -36.90
C3 3PH I . -3.70 -32.53 -32.59
O31 3PH I . -2.84 -31.41 -32.41
C31 3PH I . -3.40 -30.14 -32.01
O32 3PH I . -4.60 -30.06 -31.83
C32 3PH I . -2.53 -28.93 -31.84
C33 3PH I . -2.08 -28.83 -30.39
C34 3PH I . -0.67 -28.29 -30.30
C35 3PH I . 0.24 -29.26 -29.55
C36 3PH I . 1.41 -28.54 -28.88
C37 3PH I . 1.60 -29.00 -27.45
C38 3PH I . 2.27 -30.37 -27.39
C39 3PH I . 3.60 -30.30 -26.65
C3A 3PH I . 4.28 -31.67 -26.62
C3B 3PH I . 4.70 -32.03 -25.20
C3C 3PH I . 5.42 -33.38 -25.17
C3D 3PH I . 6.20 -33.57 -23.88
C3E 3PH I . 6.44 -35.06 -23.60
C3F 3PH I . 7.69 -35.26 -22.75
C3G 3PH I . 8.95 -34.90 -23.52
C3H 3PH I . 10.05 -35.91 -23.28
C3I 3PH I . 10.88 -36.11 -24.54
#